data_5ZI1
#
_entry.id   5ZI1
#
_cell.length_a   126.261
_cell.length_b   235.959
_cell.length_c   69.025
_cell.angle_alpha   90.000
_cell.angle_beta   116.530
_cell.angle_gamma   90.000
#
_symmetry.space_group_name_H-M   'C 1 2 1'
#
loop_
_entity.id
_entity.type
_entity.pdbx_description
1 polymer 'insecticidal crystal protein Cry7Cal'
2 non-polymer 'ACETATE ION'
3 water water
#
_entity_poly.entity_id   1
_entity_poly.type   'polypeptide(L)'
_entity_poly.pdbx_seq_one_letter_code
;MRGSHHHHHHGSMIFSSISIIRTFMGFAGHGTAGGIIGLFTEVLRLLWPNKQNDLWESFMNEVEALINQEITEAVVSKAL
SELEGLRNALEGYTSALEAWQNNRSDKLKQLLVYERFVSTENLFKFAMPSFRSVGFEGPLLTVYAQAANLHLFLLKNAEL
FGAEWGMQQYEIDLFYNEQKGYVEEYTDHCVKWYKEGLNKLKNASGVKGKVWENYNRFRREMTIMVLDLLPLFPIYDART
YPMETVTELTRQIFTDPIGLTGINETKYPDWYGAASSEFVLIENRAIPKPGLFQWLTKINVRARVVEPNDRFAIWTGHSV
VTQYTKSTTENTFNYGTSSGSTLSHTFDLLSKDIYQTYSIAAANKSATWYQAVPLLRLYGINSSNVLSEDAFSFSNNIPS
SKCKSTYSSDQLPIELLDEPIYGDLEEYGHRLSYVSEIFKETGSGTIPVLGWTHVSVRPDNKLYPDKITQIPAVKAFETN
TAGVEIIDSASTGGPILKIVNNNLPSNQVFRMRLSFSEPQKIKVRVRYAATGDGVMSFSGIAHDEYFTATMKEGEALKYS
YLTMGNDYAGTAAELSMLYIIKANTSNCTIYIDKIEFIPVVDLQPSLIS
;
_entity_poly.pdbx_strand_id   A,B
#
# COMPACT_ATOMS: atom_id res chain seq x y z
N SER A 12 34.68 -16.82 1.42
CA SER A 12 34.42 -15.68 2.30
C SER A 12 33.07 -15.02 1.95
N MET A 13 32.36 -14.57 2.98
CA MET A 13 31.07 -13.94 2.76
C MET A 13 31.22 -12.49 2.31
N ILE A 14 32.20 -11.79 2.85
CA ILE A 14 32.46 -10.42 2.41
C ILE A 14 32.84 -10.40 0.94
N PHE A 15 33.58 -11.41 0.48
CA PHE A 15 34.02 -11.42 -0.90
C PHE A 15 32.89 -11.83 -1.83
N SER A 16 32.01 -12.72 -1.36
CA SER A 16 30.79 -12.98 -2.10
C SER A 16 29.97 -11.70 -2.27
N SER A 17 29.91 -10.89 -1.22
CA SER A 17 29.13 -9.66 -1.30
C SER A 17 29.76 -8.69 -2.28
N ILE A 18 31.09 -8.55 -2.22
CA ILE A 18 31.77 -7.71 -3.20
C ILE A 18 31.46 -8.17 -4.61
N SER A 19 31.52 -9.49 -4.84
CA SER A 19 31.29 -10.03 -6.17
C SER A 19 29.86 -9.74 -6.63
N ILE A 20 28.86 -9.93 -5.75
CA ILE A 20 27.47 -9.66 -6.13
C ILE A 20 27.33 -8.23 -6.62
N ILE A 21 27.79 -7.27 -5.81
CA ILE A 21 27.71 -5.86 -6.18
C ILE A 21 28.35 -5.65 -7.55
N ARG A 22 29.58 -6.15 -7.70
CA ARG A 22 30.33 -5.96 -8.94
C ARG A 22 29.56 -6.54 -10.12
N THR A 23 29.01 -7.74 -9.94
CA THR A 23 28.23 -8.35 -11.01
C THR A 23 27.07 -7.46 -11.44
N PHE A 24 26.31 -6.92 -10.50
CA PHE A 24 25.18 -6.08 -10.88
C PHE A 24 25.64 -4.75 -11.44
N MET A 25 26.72 -4.18 -10.91
CA MET A 25 27.27 -2.97 -11.50
C MET A 25 27.76 -3.22 -12.93
N GLY A 26 28.37 -4.38 -13.16
CA GLY A 26 28.90 -4.66 -14.49
C GLY A 26 27.80 -4.80 -15.51
N PHE A 27 26.63 -5.28 -15.10
CA PHE A 27 25.51 -5.48 -15.99
C PHE A 27 24.48 -4.34 -15.88
N ALA A 28 24.84 -3.21 -15.28
CA ALA A 28 23.86 -2.16 -15.05
C ALA A 28 23.40 -1.60 -16.38
N GLY A 29 22.07 -1.61 -16.60
CA GLY A 29 21.47 -1.04 -17.78
C GLY A 29 21.27 -2.00 -18.94
N HIS A 30 22.00 -3.11 -18.97
CA HIS A 30 21.85 -4.10 -20.04
C HIS A 30 20.42 -4.63 -20.09
N GLY A 31 20.02 -5.09 -21.29
CA GLY A 31 18.64 -5.49 -21.51
C GLY A 31 18.43 -6.52 -22.60
N THR A 32 19.45 -7.30 -22.93
CA THR A 32 19.30 -8.41 -23.86
C THR A 32 18.88 -9.66 -23.10
N ALA A 33 18.14 -10.54 -23.78
CA ALA A 33 17.68 -11.75 -23.10
C ALA A 33 18.84 -12.69 -22.85
N GLY A 34 19.78 -12.79 -23.80
CA GLY A 34 20.90 -13.69 -23.63
C GLY A 34 21.80 -13.28 -22.47
N GLY A 35 22.14 -11.99 -22.40
CA GLY A 35 22.92 -11.52 -21.27
C GLY A 35 22.16 -11.62 -19.96
N ILE A 36 20.85 -11.27 -19.98
CA ILE A 36 20.03 -11.42 -18.78
C ILE A 36 20.08 -12.86 -18.27
N ILE A 37 20.08 -13.83 -19.18
CA ILE A 37 20.15 -15.22 -18.77
C ILE A 37 21.50 -15.51 -18.12
N GLY A 38 22.58 -14.96 -18.67
CA GLY A 38 23.88 -15.15 -18.07
C GLY A 38 23.99 -14.49 -16.71
N LEU A 39 23.38 -13.31 -16.55
CA LEU A 39 23.38 -12.66 -15.24
C LEU A 39 22.63 -13.50 -14.21
N PHE A 40 21.45 -14.02 -14.59
CA PHE A 40 20.69 -14.84 -13.65
C PHE A 40 21.49 -16.06 -13.22
N THR A 41 21.98 -16.85 -14.18
CA THR A 41 22.75 -18.05 -13.85
C THR A 41 23.98 -17.71 -13.01
N GLU A 42 24.69 -16.64 -13.37
CA GLU A 42 25.79 -16.14 -12.56
C GLU A 42 25.32 -15.83 -11.14
N VAL A 43 24.20 -15.11 -11.03
CA VAL A 43 23.73 -14.60 -9.74
C VAL A 43 23.22 -15.73 -8.86
N LEU A 44 22.57 -16.74 -9.45
CA LEU A 44 22.13 -17.82 -8.60
C LEU A 44 23.30 -18.63 -8.07
N ARG A 45 24.37 -18.80 -8.84
CA ARG A 45 25.52 -19.50 -8.31
C ARG A 45 26.18 -18.73 -7.18
N LEU A 46 26.22 -17.39 -7.28
CA LEU A 46 26.80 -16.61 -6.20
C LEU A 46 25.97 -16.67 -4.94
N LEU A 47 24.65 -16.45 -5.08
CA LEU A 47 23.78 -16.32 -3.92
C LEU A 47 23.41 -17.67 -3.32
N TRP A 48 23.33 -18.71 -4.14
CA TRP A 48 23.03 -20.06 -3.67
C TRP A 48 24.09 -21.01 -4.20
N PRO A 49 25.32 -20.95 -3.66
CA PRO A 49 26.38 -21.87 -4.11
C PRO A 49 25.93 -23.31 -3.94
N ASN A 50 26.12 -24.09 -5.00
CA ASN A 50 25.68 -25.49 -5.01
C ASN A 50 24.22 -25.64 -4.57
N LYS A 51 23.41 -24.63 -4.89
CA LYS A 51 21.96 -24.68 -4.66
C LYS A 51 21.63 -24.84 -3.19
N GLN A 52 22.49 -24.32 -2.31
CA GLN A 52 22.29 -24.35 -0.87
C GLN A 52 22.12 -22.94 -0.34
N ASN A 53 21.62 -22.85 0.90
CA ASN A 53 21.41 -21.55 1.54
CA ASN A 53 21.38 -21.62 1.64
C ASN A 53 22.61 -21.12 2.41
N ASP A 54 23.80 -21.67 2.16
CA ASP A 54 24.97 -21.37 2.99
C ASP A 54 25.24 -19.87 3.11
N LEU A 55 25.15 -19.14 1.99
CA LEU A 55 25.47 -17.71 2.00
C LEU A 55 24.44 -16.92 2.79
N TRP A 56 23.16 -17.26 2.66
CA TRP A 56 22.14 -16.52 3.39
C TRP A 56 22.23 -16.79 4.88
N GLU A 57 22.64 -18.00 5.28
CA GLU A 57 22.93 -18.23 6.69
C GLU A 57 24.07 -17.34 7.17
N SER A 58 25.13 -17.23 6.38
CA SER A 58 26.24 -16.35 6.75
C SER A 58 25.81 -14.90 6.84
N PHE A 59 24.95 -14.44 5.92
CA PHE A 59 24.39 -13.10 6.02
C PHE A 59 23.77 -12.89 7.40
N MET A 60 22.89 -13.80 7.80
CA MET A 60 22.25 -13.66 9.10
C MET A 60 23.26 -13.75 10.25
N ASN A 61 24.18 -14.71 10.20
CA ASN A 61 25.13 -14.90 11.30
C ASN A 61 26.03 -13.68 11.48
N GLU A 62 26.60 -13.19 10.39
CA GLU A 62 27.46 -12.01 10.46
C GLU A 62 26.71 -10.81 11.04
N VAL A 63 25.48 -10.54 10.56
CA VAL A 63 24.78 -9.35 11.02
C VAL A 63 24.36 -9.50 12.48
N GLU A 64 23.85 -10.67 12.87
CA GLU A 64 23.64 -10.95 14.29
C GLU A 64 24.86 -10.57 15.13
N ALA A 65 26.05 -11.00 14.69
CA ALA A 65 27.27 -10.72 15.44
C ALA A 65 27.57 -9.23 15.48
N LEU A 66 27.37 -8.53 14.35
CA LEU A 66 27.72 -7.12 14.27
C LEU A 66 26.87 -6.27 15.21
N ILE A 67 25.56 -6.55 15.28
CA ILE A 67 24.64 -5.73 16.07
C ILE A 67 24.22 -6.40 17.36
N ASN A 68 24.75 -7.58 17.66
CA ASN A 68 24.54 -8.21 18.96
C ASN A 68 23.03 -8.43 19.21
N GLN A 69 22.41 -9.16 18.29
CA GLN A 69 21.04 -9.59 18.47
C GLN A 69 20.84 -10.87 17.66
N GLU A 70 20.44 -11.94 18.32
CA GLU A 70 20.23 -13.18 17.62
C GLU A 70 18.83 -13.20 17.01
N ILE A 71 18.61 -14.11 16.07
CA ILE A 71 17.32 -14.36 15.48
C ILE A 71 16.79 -15.67 16.04
N THR A 72 15.49 -15.70 16.36
CA THR A 72 14.86 -16.93 16.85
C THR A 72 14.77 -17.95 15.72
N GLU A 73 14.96 -19.23 16.07
CA GLU A 73 14.95 -20.27 15.05
C GLU A 73 13.65 -20.30 14.26
N ALA A 74 12.54 -19.84 14.84
CA ALA A 74 11.29 -19.84 14.09
C ALA A 74 11.37 -18.88 12.90
N VAL A 75 12.07 -17.75 13.08
CA VAL A 75 12.15 -16.74 12.05
C VAL A 75 13.26 -17.08 11.06
N VAL A 76 14.41 -17.55 11.55
CA VAL A 76 15.46 -18.03 10.65
C VAL A 76 14.91 -19.09 9.72
N SER A 77 14.28 -20.12 10.29
CA SER A 77 13.80 -21.25 9.51
C SER A 77 12.77 -20.82 8.47
N LYS A 78 11.96 -19.82 8.79
CA LYS A 78 10.98 -19.37 7.82
C LYS A 78 11.66 -18.56 6.72
N ALA A 79 12.60 -17.69 7.08
CA ALA A 79 13.32 -16.92 6.06
C ALA A 79 14.03 -17.85 5.09
N LEU A 80 14.77 -18.82 5.62
CA LEU A 80 15.51 -19.75 4.76
C LEU A 80 14.58 -20.54 3.86
N SER A 81 13.42 -20.92 4.39
CA SER A 81 12.45 -21.70 3.62
C SER A 81 11.89 -20.90 2.45
N GLU A 82 11.61 -19.61 2.66
CA GLU A 82 11.21 -18.75 1.55
C GLU A 82 12.37 -18.50 0.60
N LEU A 83 13.60 -18.43 1.12
CA LEU A 83 14.74 -18.24 0.23
C LEU A 83 14.93 -19.45 -0.68
N GLU A 84 14.66 -20.65 -0.18
CA GLU A 84 14.79 -21.81 -1.05
C GLU A 84 13.67 -21.83 -2.09
N GLY A 85 12.46 -21.45 -1.71
CA GLY A 85 11.40 -21.31 -2.71
C GLY A 85 11.76 -20.28 -3.76
N LEU A 86 12.32 -19.14 -3.33
CA LEU A 86 12.76 -18.14 -4.28
C LEU A 86 13.84 -18.69 -5.19
N ARG A 87 14.78 -19.48 -4.66
CA ARG A 87 15.80 -20.05 -5.53
C ARG A 87 15.16 -20.93 -6.60
N ASN A 88 14.28 -21.84 -6.20
CA ASN A 88 13.66 -22.72 -7.19
C ASN A 88 12.77 -21.95 -8.16
N ALA A 89 12.20 -20.80 -7.74
CA ALA A 89 11.34 -20.10 -8.68
C ALA A 89 12.17 -19.34 -9.69
N LEU A 90 13.24 -18.70 -9.23
CA LEU A 90 14.17 -18.08 -10.19
C LEU A 90 14.75 -19.12 -11.14
N GLU A 91 15.18 -20.27 -10.62
CA GLU A 91 15.67 -21.34 -11.50
C GLU A 91 14.64 -21.64 -12.58
N GLY A 92 13.40 -21.88 -12.16
CA GLY A 92 12.34 -22.16 -13.12
C GLY A 92 12.07 -21.00 -14.06
N TYR A 93 12.25 -19.76 -13.59
CA TYR A 93 12.02 -18.63 -14.48
C TYR A 93 13.14 -18.52 -15.53
N THR A 94 14.40 -18.57 -15.10
CA THR A 94 15.51 -18.49 -16.06
C THR A 94 15.42 -19.62 -17.08
N SER A 95 15.09 -20.82 -16.61
CA SER A 95 14.90 -21.94 -17.52
C SER A 95 13.79 -21.66 -18.55
N ALA A 96 12.68 -21.04 -18.12
CA ALA A 96 11.64 -20.71 -19.08
C ALA A 96 12.03 -19.52 -19.94
N LEU A 97 12.77 -18.56 -19.36
CA LEU A 97 13.28 -17.46 -20.17
C LEU A 97 14.21 -17.98 -21.25
N GLU A 98 14.98 -19.03 -20.96
CA GLU A 98 15.90 -19.57 -21.95
C GLU A 98 15.15 -20.31 -23.05
N ALA A 99 14.18 -21.14 -22.67
CA ALA A 99 13.38 -21.87 -23.67
C ALA A 99 12.67 -20.91 -24.60
N TRP A 100 12.20 -19.77 -24.09
CA TRP A 100 11.50 -18.83 -24.95
C TRP A 100 12.48 -18.09 -25.86
N GLN A 101 13.61 -17.67 -25.30
CA GLN A 101 14.60 -16.95 -26.08
C GLN A 101 15.10 -17.76 -27.27
N ASN A 102 15.18 -19.08 -27.13
CA ASN A 102 15.64 -19.94 -28.21
C ASN A 102 14.51 -20.43 -29.12
N ASN A 103 13.31 -19.90 -28.99
CA ASN A 103 12.20 -20.32 -29.85
C ASN A 103 11.07 -19.30 -29.75
N ARG A 104 11.40 -18.02 -29.90
CA ARG A 104 10.48 -16.92 -29.62
C ARG A 104 9.14 -17.02 -30.34
N SER A 105 9.12 -17.64 -31.52
CA SER A 105 7.88 -17.73 -32.27
C SER A 105 6.90 -18.72 -31.67
N ASP A 106 7.35 -19.57 -30.73
CA ASP A 106 6.50 -20.59 -30.13
C ASP A 106 5.56 -19.93 -29.12
N LYS A 107 4.26 -19.92 -29.44
CA LYS A 107 3.27 -19.28 -28.56
C LYS A 107 3.28 -19.91 -27.16
N LEU A 108 3.32 -21.24 -27.09
CA LEU A 108 3.26 -21.92 -25.80
C LEU A 108 4.48 -21.59 -24.93
N LYS A 109 5.61 -21.23 -25.54
CA LYS A 109 6.75 -20.88 -24.71
C LYS A 109 6.67 -19.45 -24.22
N GLN A 110 6.00 -18.57 -24.97
CA GLN A 110 5.66 -17.26 -24.45
C GLN A 110 4.74 -17.38 -23.24
N LEU A 111 3.70 -18.20 -23.35
CA LEU A 111 2.84 -18.42 -22.19
C LEU A 111 3.65 -18.86 -21.00
N LEU A 112 4.56 -19.83 -21.20
CA LEU A 112 5.28 -20.47 -20.09
C LEU A 112 6.17 -19.48 -19.35
N VAL A 113 6.85 -18.58 -20.07
CA VAL A 113 7.74 -17.69 -19.34
C VAL A 113 6.94 -16.58 -18.67
N TYR A 114 5.84 -16.13 -19.30
CA TYR A 114 4.92 -15.22 -18.63
C TYR A 114 4.44 -15.78 -17.29
N GLU A 115 4.00 -17.04 -17.27
CA GLU A 115 3.48 -17.50 -16.01
CA GLU A 115 3.50 -17.65 -16.03
C GLU A 115 4.56 -17.73 -14.96
N ARG A 116 5.77 -18.22 -15.30
CA ARG A 116 6.84 -18.25 -14.31
C ARG A 116 7.19 -16.87 -13.81
N PHE A 117 7.07 -15.85 -14.66
CA PHE A 117 7.40 -14.50 -14.20
C PHE A 117 6.42 -14.03 -13.14
N VAL A 118 5.12 -14.04 -13.42
CA VAL A 118 4.18 -13.49 -12.45
C VAL A 118 4.11 -14.39 -11.22
N SER A 119 4.25 -15.70 -11.39
CA SER A 119 4.30 -16.55 -10.21
C SER A 119 5.56 -16.27 -9.39
N THR A 120 6.70 -15.98 -10.06
CA THR A 120 7.93 -15.73 -9.28
C THR A 120 7.88 -14.37 -8.63
N GLU A 121 7.31 -13.38 -9.32
CA GLU A 121 7.24 -12.03 -8.77
C GLU A 121 6.27 -11.98 -7.59
N ASN A 122 5.20 -12.79 -7.64
CA ASN A 122 4.31 -12.91 -6.49
C ASN A 122 5.02 -13.55 -5.31
N LEU A 123 5.94 -14.50 -5.54
CA LEU A 123 6.68 -15.06 -4.43
C LEU A 123 7.46 -13.98 -3.69
N PHE A 124 8.08 -13.06 -4.42
CA PHE A 124 8.77 -11.97 -3.75
C PHE A 124 7.81 -11.16 -2.91
N LYS A 125 6.64 -10.78 -3.47
CA LYS A 125 5.65 -10.07 -2.67
C LYS A 125 5.30 -10.85 -1.41
N PHE A 126 5.01 -12.14 -1.57
CA PHE A 126 4.70 -12.97 -0.41
C PHE A 126 5.90 -13.11 0.52
N ALA A 127 7.12 -13.23 -0.03
CA ALA A 127 8.27 -13.64 0.79
C ALA A 127 8.98 -12.47 1.48
N MET A 128 9.09 -11.32 0.81
CA MET A 128 9.80 -10.18 1.39
C MET A 128 9.46 -9.89 2.85
N PRO A 129 8.18 -9.90 3.29
CA PRO A 129 7.91 -9.61 4.71
C PRO A 129 8.63 -10.55 5.67
N SER A 130 8.89 -11.79 5.28
CA SER A 130 9.64 -12.69 6.16
C SER A 130 11.08 -12.22 6.39
N PHE A 131 11.58 -11.30 5.59
CA PHE A 131 12.95 -10.81 5.74
C PHE A 131 13.02 -9.52 6.56
N ARG A 132 11.89 -9.09 7.11
CA ARG A 132 11.79 -7.94 8.00
C ARG A 132 10.85 -8.25 9.17
N SER A 133 10.82 -9.51 9.61
CA SER A 133 10.09 -9.95 10.79
C SER A 133 10.22 -8.97 11.94
N VAL A 134 9.07 -8.59 12.51
CA VAL A 134 9.04 -7.62 13.60
C VAL A 134 9.92 -8.11 14.73
N GLY A 135 10.77 -7.21 15.24
CA GLY A 135 11.74 -7.56 16.25
C GLY A 135 13.09 -8.03 15.74
N PHE A 136 13.19 -8.33 14.43
CA PHE A 136 14.41 -8.89 13.86
C PHE A 136 14.86 -8.18 12.59
N GLU A 137 14.28 -7.01 12.29
CA GLU A 137 14.59 -6.31 11.04
C GLU A 137 16.08 -6.01 10.93
N GLY A 138 16.72 -5.67 12.04
CA GLY A 138 18.14 -5.47 12.09
C GLY A 138 18.95 -6.67 11.63
N PRO A 139 18.94 -7.77 12.39
CA PRO A 139 19.81 -8.90 12.02
C PRO A 139 19.48 -9.49 10.65
N LEU A 140 18.29 -9.24 10.12
CA LEU A 140 17.86 -9.72 8.82
C LEU A 140 18.17 -8.75 7.69
N LEU A 141 18.86 -7.64 7.95
CA LEU A 141 18.92 -6.56 6.98
C LEU A 141 19.59 -6.99 5.67
N THR A 142 20.71 -7.72 5.75
CA THR A 142 21.41 -8.09 4.52
C THR A 142 20.57 -9.06 3.69
N VAL A 143 19.90 -10.00 4.34
CA VAL A 143 18.95 -10.85 3.63
C VAL A 143 17.92 -10.00 2.92
N TYR A 144 17.40 -8.98 3.60
CA TYR A 144 16.37 -8.13 3.01
C TYR A 144 16.92 -7.38 1.81
N ALA A 145 18.05 -6.70 1.99
CA ALA A 145 18.67 -5.96 0.90
C ALA A 145 18.91 -6.83 -0.32
N GLN A 146 19.49 -8.02 -0.12
CA GLN A 146 19.86 -8.84 -1.27
C GLN A 146 18.64 -9.39 -2.00
N ALA A 147 17.61 -9.80 -1.25
CA ALA A 147 16.38 -10.26 -1.88
C ALA A 147 15.63 -9.10 -2.51
N ALA A 148 15.60 -7.96 -1.81
CA ALA A 148 15.05 -6.75 -2.41
C ALA A 148 15.68 -6.50 -3.76
N ASN A 149 17.00 -6.63 -3.81
CA ASN A 149 17.72 -6.38 -5.05
C ASN A 149 17.24 -7.31 -6.16
N LEU A 150 17.10 -8.60 -5.86
CA LEU A 150 16.64 -9.54 -6.89
C LEU A 150 15.23 -9.18 -7.37
N HIS A 151 14.36 -8.75 -6.45
CA HIS A 151 12.98 -8.44 -6.83
C HIS A 151 12.95 -7.28 -7.81
N LEU A 152 13.67 -6.20 -7.50
CA LEU A 152 13.70 -5.04 -8.38
C LEU A 152 14.24 -5.42 -9.75
N PHE A 153 15.29 -6.25 -9.77
CA PHE A 153 15.88 -6.68 -11.02
C PHE A 153 14.94 -7.58 -11.81
N LEU A 154 14.27 -8.50 -11.11
CA LEU A 154 13.26 -9.32 -11.77
C LEU A 154 12.17 -8.45 -12.41
N LEU A 155 11.77 -7.37 -11.73
CA LEU A 155 10.69 -6.55 -12.26
C LEU A 155 11.11 -5.86 -13.55
N LYS A 156 12.41 -5.56 -13.68
CA LYS A 156 12.92 -5.01 -14.93
C LYS A 156 12.57 -5.91 -16.11
N ASN A 157 12.58 -7.23 -15.91
CA ASN A 157 12.33 -8.14 -17.02
C ASN A 157 10.98 -7.86 -17.69
N ALA A 158 9.95 -7.46 -16.92
CA ALA A 158 8.66 -7.19 -17.54
C ALA A 158 8.75 -6.04 -18.53
N GLU A 159 9.51 -4.99 -18.19
CA GLU A 159 9.65 -3.90 -19.14
C GLU A 159 10.49 -4.31 -20.33
N LEU A 160 11.47 -5.20 -20.12
CA LEU A 160 12.31 -5.60 -21.23
C LEU A 160 11.58 -6.54 -22.18
N PHE A 161 10.87 -7.53 -21.63
CA PHE A 161 10.38 -8.63 -22.44
C PHE A 161 8.86 -8.79 -22.41
N GLY A 162 8.15 -8.05 -21.54
CA GLY A 162 6.71 -8.23 -21.36
C GLY A 162 5.86 -8.22 -22.62
N ALA A 163 5.96 -7.13 -23.40
CA ALA A 163 5.20 -7.03 -24.64
C ALA A 163 5.49 -8.20 -25.57
N GLU A 164 6.73 -8.69 -25.61
CA GLU A 164 7.03 -9.83 -26.45
C GLU A 164 6.53 -11.15 -25.88
N TRP A 165 6.20 -11.18 -24.59
CA TRP A 165 5.52 -12.34 -24.02
C TRP A 165 4.01 -12.33 -24.24
N GLY A 166 3.47 -11.26 -24.79
CA GLY A 166 2.04 -11.09 -24.90
C GLY A 166 1.43 -10.22 -23.82
N MET A 167 2.23 -9.50 -23.04
CA MET A 167 1.70 -8.59 -22.04
C MET A 167 1.16 -7.35 -22.73
N GLN A 168 0.01 -6.89 -22.26
CA GLN A 168 -0.53 -5.64 -22.75
C GLN A 168 0.11 -4.46 -22.02
N GLN A 169 -0.04 -3.27 -22.61
CA GLN A 169 0.72 -2.14 -22.10
C GLN A 169 0.32 -1.83 -20.66
N TYR A 170 -0.96 -1.96 -20.33
CA TYR A 170 -1.39 -1.61 -18.97
C TYR A 170 -0.68 -2.46 -17.93
N GLU A 171 -0.47 -3.74 -18.24
CA GLU A 171 0.15 -4.65 -17.29
C GLU A 171 1.66 -4.40 -17.22
N ILE A 172 2.30 -4.14 -18.36
CA ILE A 172 3.66 -3.59 -18.37
C ILE A 172 3.74 -2.34 -17.52
N ASP A 173 2.73 -1.46 -17.65
CA ASP A 173 2.72 -0.22 -16.88
C ASP A 173 2.50 -0.45 -15.40
N LEU A 174 1.72 -1.48 -15.05
CA LEU A 174 1.51 -1.79 -13.64
C LEU A 174 2.82 -2.23 -12.99
N PHE A 175 3.53 -3.15 -13.64
CA PHE A 175 4.80 -3.66 -13.11
C PHE A 175 5.82 -2.54 -12.97
N TYR A 176 5.90 -1.66 -13.97
CA TYR A 176 6.74 -0.47 -13.87
C TYR A 176 6.42 0.33 -12.62
N ASN A 177 5.14 0.65 -12.40
CA ASN A 177 4.78 1.46 -11.24
C ASN A 177 5.00 0.72 -9.93
N GLU A 178 4.70 -0.58 -9.90
CA GLU A 178 5.05 -1.37 -8.72
C GLU A 178 6.55 -1.28 -8.44
N GLN A 179 7.38 -1.41 -9.48
CA GLN A 179 8.84 -1.36 -9.29
C GLN A 179 9.25 -0.02 -8.70
N LYS A 180 8.71 1.07 -9.24
CA LYS A 180 9.00 2.40 -8.73
C LYS A 180 8.68 2.51 -7.25
N GLY A 181 7.51 2.02 -6.83
CA GLY A 181 7.21 2.01 -5.40
C GLY A 181 8.17 1.15 -4.58
N TYR A 182 8.50 -0.05 -5.09
CA TYR A 182 9.40 -0.92 -4.34
C TYR A 182 10.81 -0.32 -4.23
N VAL A 183 11.25 0.42 -5.25
CA VAL A 183 12.54 1.10 -5.12
C VAL A 183 12.54 1.97 -3.87
N GLU A 184 11.49 2.76 -3.69
CA GLU A 184 11.42 3.67 -2.55
C GLU A 184 11.21 2.92 -1.24
N GLU A 185 10.41 1.86 -1.26
CA GLU A 185 10.19 1.09 -0.06
C GLU A 185 11.47 0.41 0.40
N TYR A 186 12.13 -0.31 -0.51
CA TYR A 186 13.30 -1.10 -0.15
C TYR A 186 14.45 -0.20 0.27
N THR A 187 14.64 0.92 -0.44
CA THR A 187 15.67 1.89 -0.08
C THR A 187 15.39 2.48 1.30
N ASP A 188 14.15 2.88 1.56
CA ASP A 188 13.82 3.48 2.86
C ASP A 188 14.05 2.48 3.99
N HIS A 189 13.64 1.24 3.79
CA HIS A 189 13.87 0.23 4.82
C HIS A 189 15.36 0.04 5.09
N CYS A 190 16.18 -0.09 4.04
CA CYS A 190 17.61 -0.34 4.25
C CYS A 190 18.29 0.83 4.94
N VAL A 191 17.92 2.07 4.59
CA VAL A 191 18.58 3.20 5.21
C VAL A 191 18.20 3.31 6.68
N LYS A 192 16.89 3.23 6.98
CA LYS A 192 16.41 3.34 8.35
C LYS A 192 17.12 2.35 9.28
N TRP A 193 17.17 1.08 8.89
CA TRP A 193 17.77 0.09 9.77
C TRP A 193 19.30 0.08 9.72
N TYR A 194 19.91 0.57 8.63
CA TYR A 194 21.35 0.86 8.68
C TYR A 194 21.65 1.89 9.76
N LYS A 195 20.88 2.98 9.78
CA LYS A 195 21.09 4.04 10.75
C LYS A 195 20.72 3.60 12.16
N GLU A 196 19.79 2.68 12.31
CA GLU A 196 19.42 2.25 13.65
C GLU A 196 20.47 1.33 14.25
N GLY A 197 20.95 0.35 13.48
CA GLY A 197 22.09 -0.44 13.93
C GLY A 197 23.29 0.42 14.29
N LEU A 198 23.57 1.43 13.47
CA LEU A 198 24.59 2.40 13.83
C LEU A 198 24.27 3.04 15.17
N ASN A 199 23.03 3.51 15.33
CA ASN A 199 22.65 4.21 16.56
C ASN A 199 22.78 3.30 17.78
N LYS A 200 22.31 2.06 17.66
CA LYS A 200 22.44 1.11 18.75
C LYS A 200 23.91 0.87 19.10
N LEU A 201 24.75 0.61 18.08
CA LEU A 201 26.17 0.40 18.38
C LEU A 201 26.82 1.61 19.01
N LYS A 202 26.35 2.80 18.64
CA LYS A 202 26.96 4.01 19.19
C LYS A 202 26.67 4.14 20.68
N ASN A 203 25.53 3.62 21.13
CA ASN A 203 25.12 3.69 22.52
C ASN A 203 25.43 2.42 23.29
N ALA A 204 26.17 1.48 22.70
CA ALA A 204 26.49 0.24 23.38
C ALA A 204 27.40 0.49 24.57
N SER A 205 27.29 -0.38 25.57
CA SER A 205 28.15 -0.28 26.74
C SER A 205 29.53 -0.82 26.42
N GLY A 206 30.53 -0.30 27.13
CA GLY A 206 31.87 -0.83 27.06
C GLY A 206 32.90 0.26 26.93
N VAL A 207 34.16 -0.17 26.88
CA VAL A 207 35.27 0.75 26.61
C VAL A 207 35.02 1.45 25.28
N LYS A 208 35.13 2.78 25.28
CA LYS A 208 34.71 3.55 24.12
C LYS A 208 35.49 3.16 22.87
N GLY A 209 36.80 2.89 23.02
CA GLY A 209 37.60 2.52 21.86
C GLY A 209 37.08 1.29 21.16
N LYS A 210 36.74 0.26 21.93
CA LYS A 210 36.14 -0.91 21.31
C LYS A 210 34.70 -0.65 20.87
N VAL A 211 34.03 0.34 21.47
CA VAL A 211 32.68 0.63 21.01
C VAL A 211 32.74 1.26 19.63
N TRP A 212 33.69 2.18 19.43
CA TRP A 212 33.89 2.73 18.10
C TRP A 212 34.26 1.66 17.09
N GLU A 213 35.17 0.76 17.45
CA GLU A 213 35.60 -0.26 16.51
C GLU A 213 34.41 -1.09 16.02
N ASN A 214 33.55 -1.54 16.94
CA ASN A 214 32.39 -2.33 16.54
C ASN A 214 31.43 -1.50 15.70
N TYR A 215 31.31 -0.22 16.04
CA TYR A 215 30.50 0.70 15.25
C TYR A 215 31.06 0.83 13.84
N ASN A 216 32.38 1.05 13.73
CA ASN A 216 32.96 1.19 12.41
C ASN A 216 32.91 -0.10 11.62
N ARG A 217 33.03 -1.24 12.30
CA ARG A 217 32.98 -2.51 11.59
C ARG A 217 31.60 -2.74 10.98
N PHE A 218 30.54 -2.33 11.68
CA PHE A 218 29.21 -2.43 11.14
C PHE A 218 29.07 -1.54 9.91
N ARG A 219 29.52 -0.28 10.03
CA ARG A 219 29.49 0.62 8.89
C ARG A 219 30.24 0.03 7.70
N ARG A 220 31.44 -0.51 7.94
CA ARG A 220 32.26 -0.98 6.82
C ARG A 220 31.60 -2.17 6.14
N GLU A 221 31.22 -3.18 6.92
CA GLU A 221 30.66 -4.39 6.32
C GLU A 221 29.27 -4.14 5.72
N MET A 222 28.42 -3.35 6.39
CA MET A 222 27.06 -3.13 5.89
C MET A 222 27.02 -2.16 4.71
N THR A 223 28.02 -1.30 4.60
CA THR A 223 28.22 -0.56 3.35
C THR A 223 28.36 -1.54 2.19
N ILE A 224 29.21 -2.56 2.38
CA ILE A 224 29.45 -3.57 1.35
C ILE A 224 28.24 -4.47 1.17
N MET A 225 27.63 -4.91 2.27
CA MET A 225 26.52 -5.86 2.16
C MET A 225 25.23 -5.19 1.72
N VAL A 226 24.96 -3.97 2.19
CA VAL A 226 23.66 -3.36 1.95
C VAL A 226 23.74 -2.07 1.14
N LEU A 227 24.47 -1.06 1.63
CA LEU A 227 24.36 0.27 1.03
C LEU A 227 24.79 0.28 -0.44
N ASP A 228 25.84 -0.48 -0.77
CA ASP A 228 26.35 -0.51 -2.13
C ASP A 228 25.32 -1.06 -3.12
N LEU A 229 24.29 -1.76 -2.62
CA LEU A 229 23.20 -2.19 -3.47
C LEU A 229 22.29 -1.03 -3.87
N LEU A 230 22.13 -0.02 -3.01
CA LEU A 230 21.05 0.97 -3.15
C LEU A 230 21.20 1.89 -4.35
N PRO A 231 22.42 2.27 -4.78
CA PRO A 231 22.53 3.07 -6.02
C PRO A 231 22.02 2.33 -7.25
N LEU A 232 22.03 1.00 -7.25
CA LEU A 232 21.57 0.27 -8.43
C LEU A 232 20.07 0.29 -8.55
N PHE A 233 19.34 0.37 -7.43
CA PHE A 233 17.88 0.24 -7.45
C PHE A 233 17.20 1.13 -8.49
N PRO A 234 17.45 2.45 -8.55
CA PRO A 234 16.84 3.24 -9.62
C PRO A 234 17.34 2.87 -11.01
N ILE A 235 18.55 2.31 -11.17
CA ILE A 235 19.00 1.94 -12.50
C ILE A 235 18.22 0.75 -13.06
N TYR A 236 17.53 -0.02 -12.22
CA TYR A 236 16.70 -1.08 -12.78
C TYR A 236 15.46 -0.53 -13.48
N ASP A 237 15.25 0.79 -13.42
CA ASP A 237 14.21 1.49 -14.16
C ASP A 237 14.61 1.52 -15.62
N ALA A 238 14.07 0.57 -16.40
CA ALA A 238 14.50 0.42 -17.79
C ALA A 238 14.03 1.54 -18.71
N ARG A 239 13.09 2.37 -18.26
CA ARG A 239 12.73 3.53 -19.07
C ARG A 239 13.70 4.69 -18.86
N THR A 240 14.12 4.91 -17.61
CA THR A 240 15.09 5.95 -17.31
C THR A 240 16.49 5.54 -17.74
N TYR A 241 16.76 4.23 -17.77
CA TYR A 241 18.06 3.69 -18.16
C TYR A 241 17.83 2.61 -19.21
N PRO A 242 17.53 3.01 -20.45
CA PRO A 242 17.31 2.03 -21.52
C PRO A 242 18.58 1.46 -22.13
N MET A 243 19.76 1.85 -21.67
CA MET A 243 20.98 1.21 -22.15
C MET A 243 22.02 1.14 -21.03
N GLU A 244 23.11 0.44 -21.34
CA GLU A 244 24.18 0.20 -20.38
C GLU A 244 24.62 1.50 -19.72
N THR A 245 24.77 1.45 -18.40
CA THR A 245 24.97 2.62 -17.55
C THR A 245 26.18 2.32 -16.70
N VAL A 246 27.10 3.28 -16.61
CA VAL A 246 28.35 3.09 -15.89
C VAL A 246 28.29 3.91 -14.61
N THR A 247 28.45 3.23 -13.47
CA THR A 247 28.28 3.88 -12.18
C THR A 247 29.52 3.69 -11.30
N GLU A 248 29.63 4.57 -10.29
CA GLU A 248 30.76 4.55 -9.37
C GLU A 248 30.25 4.70 -7.94
N LEU A 249 30.90 3.99 -7.01
CA LEU A 249 30.67 4.11 -5.57
C LEU A 249 31.80 4.96 -4.99
N THR A 250 31.51 6.20 -4.61
CA THR A 250 32.53 7.12 -4.15
C THR A 250 32.73 7.11 -2.64
N ARG A 251 32.01 6.26 -1.91
CA ARG A 251 32.08 6.29 -0.45
C ARG A 251 33.41 5.72 0.04
N GLN A 252 33.93 6.28 1.12
CA GLN A 252 35.17 5.84 1.74
C GLN A 252 34.87 5.07 3.01
N ILE A 253 35.45 3.88 3.15
CA ILE A 253 35.29 3.10 4.37
C ILE A 253 36.65 2.80 4.99
N PHE A 254 36.63 2.51 6.30
CA PHE A 254 37.85 2.34 7.09
C PHE A 254 37.93 0.95 7.68
N THR A 255 39.10 0.32 7.53
CA THR A 255 39.42 -0.95 8.16
C THR A 255 39.68 -0.72 9.64
N ASP A 256 39.74 -1.82 10.41
CA ASP A 256 39.89 -1.69 11.85
C ASP A 256 41.18 -0.95 12.20
N PRO A 257 41.20 -0.18 13.29
CA PRO A 257 42.42 0.54 13.64
C PRO A 257 43.59 -0.42 13.84
N ILE A 258 44.78 0.03 13.44
CA ILE A 258 45.99 -0.80 13.52
C ILE A 258 46.55 -0.57 14.91
N GLY A 259 46.02 -1.33 15.87
CA GLY A 259 46.46 -1.25 17.24
C GLY A 259 46.57 -2.65 17.82
N LEU A 260 47.26 -2.75 18.95
CA LEU A 260 47.47 -4.06 19.56
C LEU A 260 46.18 -4.57 20.19
N THR A 261 45.79 -5.79 19.83
CA THR A 261 44.74 -6.52 20.51
C THR A 261 45.14 -7.98 20.61
N GLY A 262 44.45 -8.71 21.49
CA GLY A 262 44.55 -10.16 21.53
C GLY A 262 45.64 -10.73 22.43
N ILE A 263 46.54 -9.91 22.97
CA ILE A 263 47.60 -10.44 23.83
C ILE A 263 47.13 -10.55 25.28
N ASN A 264 46.48 -9.50 25.78
CA ASN A 264 45.84 -9.44 27.09
C ASN A 264 46.80 -9.90 28.19
N GLU A 265 47.84 -9.08 28.35
CA GLU A 265 48.74 -9.09 29.50
C GLU A 265 48.90 -7.65 29.94
N THR A 266 49.15 -7.44 31.24
CA THR A 266 49.14 -6.08 31.76
C THR A 266 50.13 -5.18 31.02
N LYS A 267 51.20 -5.76 30.47
CA LYS A 267 52.18 -4.94 29.76
C LYS A 267 51.79 -4.71 28.30
N TYR A 268 51.09 -5.67 27.70
CA TYR A 268 50.66 -5.57 26.31
C TYR A 268 49.13 -5.54 26.23
N PRO A 269 48.49 -4.51 26.76
CA PRO A 269 47.03 -4.49 26.74
C PRO A 269 46.48 -4.19 25.35
N ASP A 270 45.19 -4.49 25.17
CA ASP A 270 44.46 -3.99 24.01
C ASP A 270 44.50 -2.46 23.98
N TRP A 271 44.56 -1.91 22.78
CA TRP A 271 44.65 -0.46 22.66
C TRP A 271 43.37 0.25 23.12
N TYR A 272 42.22 -0.45 23.20
CA TYR A 272 40.93 0.23 23.40
C TYR A 272 40.94 1.19 24.60
N GLY A 273 41.44 0.70 25.75
CA GLY A 273 41.49 1.54 26.95
C GLY A 273 42.25 2.84 26.77
N ALA A 274 43.15 2.92 25.78
CA ALA A 274 43.91 4.13 25.53
C ALA A 274 43.16 5.16 24.67
N ALA A 275 42.12 4.74 23.95
CA ALA A 275 41.36 5.69 23.16
C ALA A 275 40.57 6.65 24.03
N SER A 276 40.14 7.75 23.42
CA SER A 276 39.27 8.73 24.08
C SER A 276 38.08 8.07 24.74
N SER A 277 37.56 8.68 25.79
CA SER A 277 36.34 8.22 26.42
C SER A 277 35.10 8.80 25.76
N GLU A 278 35.26 9.71 24.81
CA GLU A 278 34.16 10.31 24.10
C GLU A 278 34.08 9.75 22.69
N PHE A 279 32.88 9.28 22.32
CA PHE A 279 32.69 8.68 21.00
C PHE A 279 32.92 9.71 19.89
N VAL A 280 32.35 10.91 20.05
CA VAL A 280 32.42 11.90 18.97
C VAL A 280 33.86 12.29 18.66
N LEU A 281 34.75 12.25 19.66
CA LEU A 281 36.15 12.59 19.42
C LEU A 281 36.82 11.54 18.55
N ILE A 282 36.60 10.26 18.85
CA ILE A 282 37.13 9.19 18.02
C ILE A 282 36.60 9.31 16.60
N GLU A 283 35.27 9.41 16.46
CA GLU A 283 34.65 9.47 15.14
C GLU A 283 35.20 10.64 14.34
N ASN A 284 35.32 11.82 14.95
CA ASN A 284 35.73 12.99 14.17
C ASN A 284 37.20 12.92 13.76
N ARG A 285 38.06 12.27 14.55
CA ARG A 285 39.47 12.19 14.13
C ARG A 285 39.72 11.00 13.23
N ALA A 286 38.92 9.94 13.35
CA ALA A 286 39.09 8.80 12.46
C ALA A 286 38.46 9.00 11.08
N ILE A 287 37.37 9.76 10.99
CA ILE A 287 36.54 9.79 9.79
C ILE A 287 36.52 11.21 9.25
N PRO A 288 37.27 11.49 8.18
CA PRO A 288 37.30 12.84 7.63
C PRO A 288 35.92 13.25 7.14
N LYS A 289 35.71 14.56 7.06
CA LYS A 289 34.45 15.10 6.54
C LYS A 289 34.25 14.69 5.09
N PRO A 290 33.00 14.54 4.65
CA PRO A 290 32.73 14.34 3.22
C PRO A 290 33.42 15.43 2.40
N GLY A 291 33.95 15.04 1.24
CA GLY A 291 34.42 16.02 0.29
C GLY A 291 34.34 15.49 -1.13
N LEU A 292 34.84 16.29 -2.06
CA LEU A 292 35.11 15.81 -3.41
C LEU A 292 35.97 14.56 -3.34
N PHE A 293 35.82 13.68 -4.32
CA PHE A 293 36.53 12.41 -4.23
C PHE A 293 38.04 12.67 -4.33
N GLN A 294 38.84 11.93 -3.57
CA GLN A 294 40.27 12.23 -3.41
C GLN A 294 41.13 11.00 -3.64
N TRP A 295 42.20 11.17 -4.41
CA TRP A 295 43.11 10.10 -4.76
C TRP A 295 44.36 10.24 -3.92
N LEU A 296 44.77 9.17 -3.24
CA LEU A 296 45.92 9.23 -2.35
C LEU A 296 47.19 9.27 -3.18
N THR A 297 48.00 10.31 -3.03
CA THR A 297 49.24 10.37 -3.79
C THR A 297 50.50 10.24 -2.95
N LYS A 298 50.43 10.40 -1.63
CA LYS A 298 51.63 10.32 -0.79
C LYS A 298 51.25 10.02 0.65
N ILE A 299 52.12 9.31 1.36
CA ILE A 299 52.02 9.15 2.81
C ILE A 299 53.40 9.35 3.42
N ASN A 300 53.50 10.21 4.42
CA ASN A 300 54.73 10.33 5.18
C ASN A 300 54.50 9.87 6.61
N VAL A 301 55.46 9.14 7.17
CA VAL A 301 55.42 8.74 8.57
C VAL A 301 56.69 9.28 9.25
N ARG A 302 56.51 9.85 10.44
CA ARG A 302 57.61 10.22 11.31
C ARG A 302 57.52 9.39 12.58
N ALA A 303 58.67 8.85 13.02
CA ALA A 303 58.67 7.95 14.15
C ALA A 303 59.93 8.16 14.97
N ARG A 304 59.86 7.73 16.24
CA ARG A 304 60.99 7.82 17.14
C ARG A 304 61.05 6.53 17.95
N VAL A 305 62.22 6.27 18.51
CA VAL A 305 62.53 5.06 19.27
C VAL A 305 62.41 5.36 20.75
N VAL A 306 61.76 4.47 21.48
CA VAL A 306 61.67 4.57 22.92
C VAL A 306 62.15 3.24 23.52
N GLU A 307 62.61 3.31 24.76
CA GLU A 307 63.19 2.15 25.45
C GLU A 307 62.70 2.09 26.90
N PRO A 308 61.40 1.80 27.11
CA PRO A 308 60.89 1.67 28.49
C PRO A 308 61.40 0.40 29.14
N ASN A 309 61.63 -0.62 28.31
CA ASN A 309 62.21 -1.90 28.68
C ASN A 309 62.51 -2.63 27.38
N ASP A 310 61.46 -3.11 26.70
CA ASP A 310 61.60 -3.33 25.27
C ASP A 310 62.03 -2.02 24.61
N ARG A 311 62.50 -2.13 23.37
CA ARG A 311 62.84 -0.95 22.57
C ARG A 311 62.17 -1.10 21.22
N PHE A 312 61.59 0.00 20.71
CA PHE A 312 60.72 -0.06 19.54
C PHE A 312 60.34 1.35 19.11
N ALA A 313 60.12 1.50 17.81
CA ALA A 313 59.69 2.78 17.27
C ALA A 313 58.19 2.95 17.45
N ILE A 314 57.77 4.22 17.57
CA ILE A 314 56.38 4.65 17.59
C ILE A 314 56.28 5.86 16.68
N TRP A 315 55.13 6.02 16.02
CA TRP A 315 54.96 7.18 15.16
C TRP A 315 54.83 8.43 16.02
N THR A 316 55.50 9.51 15.61
CA THR A 316 55.26 10.81 16.21
C THR A 316 54.20 11.60 15.44
N GLY A 317 54.07 11.33 14.14
CA GLY A 317 53.11 12.04 13.31
C GLY A 317 53.09 11.40 11.95
N HIS A 318 52.16 11.87 11.11
CA HIS A 318 52.13 11.42 9.73
C HIS A 318 51.30 12.41 8.92
N SER A 319 51.43 12.28 7.60
CA SER A 319 50.88 13.24 6.67
C SER A 319 50.28 12.48 5.51
N VAL A 320 49.30 13.10 4.87
CA VAL A 320 48.59 12.46 3.77
C VAL A 320 48.38 13.50 2.69
N VAL A 321 48.68 13.13 1.45
CA VAL A 321 48.54 14.03 0.32
C VAL A 321 47.59 13.37 -0.67
N THR A 322 46.64 14.16 -1.16
CA THR A 322 45.67 13.69 -2.13
C THR A 322 45.56 14.74 -3.24
N GLN A 323 45.02 14.29 -4.38
CA GLN A 323 44.57 15.14 -5.47
C GLN A 323 43.11 14.84 -5.79
N TYR A 324 42.35 15.89 -6.15
CA TYR A 324 41.00 15.71 -6.68
C TYR A 324 41.09 15.09 -8.08
N THR A 325 39.94 14.74 -8.64
CA THR A 325 39.93 14.05 -9.93
C THR A 325 40.38 14.99 -11.04
N LYS A 326 41.35 14.54 -11.87
CA LYS A 326 41.89 15.32 -13.00
C LYS A 326 42.31 16.73 -12.59
N SER A 327 42.78 16.88 -11.36
CA SER A 327 43.44 18.08 -10.89
C SER A 327 44.81 17.66 -10.36
N THR A 328 45.79 18.58 -10.42
CA THR A 328 47.11 18.32 -9.88
C THR A 328 47.36 19.04 -8.56
N THR A 329 46.51 20.00 -8.20
CA THR A 329 46.60 20.66 -6.89
C THR A 329 46.61 19.62 -5.78
N GLU A 330 47.42 19.86 -4.77
CA GLU A 330 47.63 18.88 -3.72
C GLU A 330 46.84 19.28 -2.49
N ASN A 331 46.19 18.30 -1.87
CA ASN A 331 45.56 18.47 -0.58
C ASN A 331 46.43 17.75 0.44
N THR A 332 46.84 18.46 1.49
CA THR A 332 47.73 17.91 2.50
C THR A 332 47.04 17.92 3.85
N PHE A 333 47.06 16.76 4.53
CA PHE A 333 46.56 16.62 5.89
C PHE A 333 47.68 16.12 6.79
N ASN A 334 47.93 16.86 7.87
CA ASN A 334 48.97 16.52 8.84
C ASN A 334 48.34 16.03 10.13
N TYR A 335 49.01 15.09 10.76
CA TYR A 335 48.63 14.57 12.08
C TYR A 335 49.87 14.55 12.96
N GLY A 336 49.65 14.71 14.26
CA GLY A 336 50.73 14.59 15.21
C GLY A 336 51.80 15.64 15.00
N THR A 337 53.06 15.22 14.99
CA THR A 337 54.16 16.17 14.84
C THR A 337 55.39 15.42 14.37
N SER A 338 56.38 16.17 13.91
CA SER A 338 57.69 15.62 13.56
C SER A 338 58.74 15.92 14.61
N SER A 339 58.47 16.82 15.55
CA SER A 339 59.40 17.12 16.62
C SER A 339 59.76 15.84 17.37
N GLY A 340 61.06 15.64 17.59
CA GLY A 340 61.55 14.47 18.30
C GLY A 340 61.64 13.22 17.46
N SER A 341 61.21 13.26 16.20
CA SER A 341 61.32 12.10 15.34
C SER A 341 62.74 11.97 14.82
N THR A 342 63.21 10.74 14.71
CA THR A 342 64.51 10.40 14.14
C THR A 342 64.35 9.49 12.93
N LEU A 343 63.12 9.17 12.55
CA LEU A 343 62.84 8.21 11.48
C LEU A 343 61.72 8.77 10.61
N SER A 344 61.75 8.40 9.34
CA SER A 344 60.87 8.97 8.34
C SER A 344 60.78 8.02 7.16
N HIS A 345 59.57 7.85 6.65
CA HIS A 345 59.39 7.13 5.39
C HIS A 345 58.31 7.81 4.58
N THR A 346 58.53 7.92 3.28
CA THR A 346 57.56 8.51 2.38
C THR A 346 57.18 7.45 1.35
N PHE A 347 55.91 7.09 1.31
CA PHE A 347 55.38 6.29 0.21
C PHE A 347 54.89 7.22 -0.89
N ASP A 348 55.35 6.99 -2.12
CA ASP A 348 54.91 7.77 -3.28
C ASP A 348 53.88 6.93 -4.02
N LEU A 349 52.61 7.33 -3.94
CA LEU A 349 51.51 6.48 -4.38
C LEU A 349 50.75 7.01 -5.60
N LEU A 350 51.04 8.22 -6.09
CA LEU A 350 50.48 8.66 -7.37
C LEU A 350 50.66 7.54 -8.41
N SER A 351 49.58 7.26 -9.14
CA SER A 351 49.46 6.30 -10.25
C SER A 351 49.18 4.89 -9.77
N LYS A 352 49.25 4.61 -8.48
CA LYS A 352 49.14 3.23 -7.98
C LYS A 352 47.81 3.01 -7.29
N ASP A 353 47.19 1.86 -7.58
CA ASP A 353 46.17 1.31 -6.70
C ASP A 353 46.88 0.45 -5.67
N ILE A 354 46.92 0.92 -4.43
CA ILE A 354 47.32 0.09 -3.31
C ILE A 354 46.12 -0.77 -2.95
N TYR A 355 46.20 -2.06 -3.28
CA TYR A 355 45.13 -3.02 -3.06
C TYR A 355 45.31 -3.85 -1.79
N GLN A 356 46.42 -3.69 -1.06
CA GLN A 356 46.64 -4.49 0.14
C GLN A 356 47.68 -3.83 1.02
N THR A 357 47.52 -3.98 2.33
CA THR A 357 48.53 -3.54 3.28
C THR A 357 48.81 -4.67 4.28
N TYR A 358 50.00 -4.61 4.87
CA TYR A 358 50.44 -5.53 5.92
C TYR A 358 51.05 -4.66 7.01
N SER A 359 50.70 -4.93 8.26
CA SER A 359 51.21 -4.11 9.35
C SER A 359 51.58 -4.98 10.56
N ILE A 360 52.50 -4.46 11.38
CA ILE A 360 52.78 -5.01 12.70
C ILE A 360 52.31 -3.98 13.72
N ALA A 361 51.46 -4.41 14.64
CA ALA A 361 51.04 -3.55 15.74
C ALA A 361 51.68 -4.04 17.04
N ALA A 362 52.05 -3.10 17.89
CA ALA A 362 52.63 -3.39 19.20
C ALA A 362 52.20 -2.30 20.17
N ALA A 363 52.43 -2.57 21.45
CA ALA A 363 52.15 -1.61 22.52
C ALA A 363 52.99 -1.99 23.74
N ASN A 364 53.22 -1.00 24.59
CA ASN A 364 53.90 -1.25 25.85
C ASN A 364 53.31 -0.32 26.91
N LYS A 365 52.84 -0.88 28.01
CA LYS A 365 52.30 -0.09 29.12
C LYS A 365 53.15 -0.35 30.35
N SER A 366 53.89 0.66 30.78
CA SER A 366 54.76 0.58 31.95
C SER A 366 54.64 1.85 32.77
N ALA A 367 55.62 2.74 32.69
CA ALA A 367 55.45 4.04 33.30
C ALA A 367 54.52 4.91 32.47
N THR A 368 54.50 4.68 31.15
CA THR A 368 53.57 5.32 30.23
C THR A 368 53.09 4.25 29.25
N TRP A 369 52.18 4.65 28.35
CA TRP A 369 51.45 3.70 27.52
C TRP A 369 51.74 4.04 26.05
N TYR A 370 52.56 3.22 25.40
CA TYR A 370 52.97 3.43 24.03
C TYR A 370 52.14 2.59 23.08
N GLN A 371 51.87 3.14 21.89
CA GLN A 371 51.26 2.38 20.80
C GLN A 371 52.21 2.43 19.62
N ALA A 372 52.44 1.29 18.99
CA ALA A 372 53.53 1.19 18.02
C ALA A 372 53.04 0.50 16.76
N VAL A 373 53.37 1.08 15.61
CA VAL A 373 53.27 0.42 14.31
C VAL A 373 54.65 0.46 13.68
N PRO A 374 55.55 -0.46 14.03
CA PRO A 374 56.93 -0.35 13.52
C PRO A 374 57.08 -0.80 12.09
N LEU A 375 56.08 -1.46 11.52
CA LEU A 375 56.17 -1.92 10.13
C LEU A 375 54.83 -1.76 9.42
N LEU A 376 54.90 -1.22 8.21
CA LEU A 376 53.74 -1.06 7.32
C LEU A 376 54.22 -1.28 5.90
N ARG A 377 53.67 -2.29 5.22
CA ARG A 377 54.04 -2.65 3.86
C ARG A 377 52.82 -2.47 2.94
N LEU A 378 53.01 -1.75 1.84
CA LEU A 378 51.95 -1.51 0.87
C LEU A 378 52.18 -2.33 -0.38
N TYR A 379 51.10 -2.90 -0.92
CA TYR A 379 51.10 -3.62 -2.20
C TYR A 379 50.33 -2.82 -3.23
N GLY A 380 50.97 -2.51 -4.36
CA GLY A 380 50.40 -1.63 -5.35
C GLY A 380 50.46 -2.21 -6.75
N ILE A 381 49.66 -1.62 -7.64
CA ILE A 381 49.67 -1.98 -9.05
C ILE A 381 49.35 -0.72 -9.83
N ASN A 382 50.08 -0.48 -10.90
CA ASN A 382 49.86 0.77 -11.63
C ASN A 382 49.18 0.51 -12.96
N SER A 383 48.89 1.59 -13.68
CA SER A 383 48.10 1.53 -14.90
C SER A 383 48.71 0.60 -15.95
N SER A 384 50.01 0.33 -15.86
CA SER A 384 50.66 -0.62 -16.76
C SER A 384 50.55 -2.06 -16.28
N ASN A 385 49.88 -2.30 -15.15
CA ASN A 385 49.74 -3.62 -14.52
C ASN A 385 51.04 -4.12 -13.93
N VAL A 386 51.94 -3.24 -13.52
CA VAL A 386 53.18 -3.69 -12.92
C VAL A 386 53.04 -3.64 -11.40
N LEU A 387 53.24 -4.79 -10.76
CA LEU A 387 53.17 -4.86 -9.30
C LEU A 387 54.33 -4.09 -8.68
N SER A 388 54.03 -3.39 -7.58
CA SER A 388 55.04 -2.72 -6.79
C SER A 388 54.78 -3.00 -5.32
N GLU A 389 55.83 -2.79 -4.53
CA GLU A 389 55.80 -3.01 -3.10
C GLU A 389 56.62 -1.91 -2.46
N ASP A 390 56.20 -1.48 -1.27
CA ASP A 390 57.03 -0.56 -0.52
C ASP A 390 56.70 -0.69 0.96
N ALA A 391 57.69 -0.43 1.80
CA ALA A 391 57.56 -0.71 3.22
C ALA A 391 58.57 0.11 4.01
N PHE A 392 58.33 0.16 5.31
CA PHE A 392 59.32 0.59 6.28
C PHE A 392 59.29 -0.40 7.43
N SER A 393 60.47 -0.67 7.98
CA SER A 393 60.63 -1.60 9.10
C SER A 393 61.52 -0.91 10.12
N PHE A 394 60.93 -0.47 11.22
CA PHE A 394 61.62 0.26 12.26
C PHE A 394 61.90 -0.66 13.43
N SER A 395 62.78 -0.18 14.32
CA SER A 395 63.29 -1.01 15.39
C SER A 395 62.14 -1.55 16.23
N ASN A 396 62.31 -2.77 16.70
CA ASN A 396 61.30 -3.45 17.50
C ASN A 396 61.87 -4.75 18.02
N ASN A 397 62.11 -4.85 19.32
CA ASN A 397 62.58 -6.08 19.93
C ASN A 397 61.52 -6.70 20.82
N ILE A 398 60.27 -6.29 20.67
CA ILE A 398 59.19 -6.98 21.39
C ILE A 398 59.02 -8.38 20.81
N PRO A 399 58.92 -9.42 21.64
CA PRO A 399 58.73 -10.77 21.09
C PRO A 399 57.53 -10.82 20.16
N SER A 400 57.68 -11.57 19.08
CA SER A 400 56.67 -11.60 18.02
C SER A 400 55.31 -12.02 18.53
N SER A 401 55.27 -12.91 19.52
CA SER A 401 54.02 -13.37 20.09
C SER A 401 53.34 -12.31 20.94
N LYS A 402 54.00 -11.18 21.18
CA LYS A 402 53.39 -10.06 21.87
C LYS A 402 52.97 -8.95 20.91
N CYS A 403 53.07 -9.20 19.61
CA CYS A 403 52.71 -8.24 18.58
C CYS A 403 51.53 -8.79 17.80
N LYS A 404 50.90 -7.92 17.01
CA LYS A 404 49.80 -8.35 16.17
C LYS A 404 50.11 -7.96 14.74
N SER A 405 50.17 -8.95 13.86
CA SER A 405 50.30 -8.71 12.44
C SER A 405 48.92 -8.76 11.79
N THR A 406 48.73 -7.95 10.76
CA THR A 406 47.43 -7.83 10.09
C THR A 406 47.64 -7.66 8.60
N TYR A 407 46.80 -8.35 7.81
CA TYR A 407 46.64 -8.12 6.38
C TYR A 407 45.31 -7.41 6.11
N SER A 408 45.37 -6.29 5.40
CA SER A 408 44.14 -5.59 5.03
C SER A 408 43.17 -6.52 4.31
N SER A 409 43.71 -7.40 3.46
CA SER A 409 42.89 -8.32 2.67
C SER A 409 42.13 -9.30 3.54
N ASP A 410 42.33 -9.30 4.85
CA ASP A 410 41.49 -10.12 5.71
C ASP A 410 40.18 -9.45 6.09
N GLN A 411 40.10 -8.12 5.97
CA GLN A 411 38.82 -7.42 6.08
C GLN A 411 38.25 -7.06 4.72
N LEU A 412 39.10 -6.79 3.73
CA LEU A 412 38.71 -6.44 2.37
C LEU A 412 39.42 -7.41 1.43
N PRO A 413 38.82 -8.56 1.17
CA PRO A 413 39.54 -9.62 0.46
C PRO A 413 39.82 -9.29 -0.99
N ILE A 414 40.90 -9.88 -1.49
CA ILE A 414 41.30 -9.78 -2.87
C ILE A 414 41.40 -11.19 -3.43
N GLU A 415 41.62 -11.27 -4.73
CA GLU A 415 41.80 -12.55 -5.39
C GLU A 415 42.50 -12.28 -6.71
N LEU A 416 43.82 -12.14 -6.63
CA LEU A 416 44.57 -11.72 -7.80
C LEU A 416 44.84 -12.88 -8.74
N LEU A 417 44.88 -12.55 -10.02
CA LEU A 417 45.34 -13.44 -11.05
C LEU A 417 46.86 -13.58 -10.96
N ASP A 418 47.41 -14.48 -11.78
CA ASP A 418 48.86 -14.61 -11.80
C ASP A 418 49.51 -13.42 -12.52
N GLU A 419 48.79 -12.77 -13.42
CA GLU A 419 49.22 -11.53 -14.06
C GLU A 419 48.16 -10.47 -13.76
N PRO A 420 48.21 -9.85 -12.59
CA PRO A 420 47.10 -8.97 -12.18
C PRO A 420 46.94 -7.77 -13.10
N ILE A 421 45.73 -7.24 -13.13
CA ILE A 421 45.32 -6.18 -14.04
C ILE A 421 44.79 -5.01 -13.23
N TYR A 422 45.42 -3.85 -13.38
CA TYR A 422 44.95 -2.59 -12.82
C TYR A 422 43.49 -2.33 -13.15
N GLY A 423 42.69 -2.10 -12.10
CA GLY A 423 41.30 -1.73 -12.28
C GLY A 423 40.32 -2.88 -12.27
N ASP A 424 40.80 -4.12 -12.26
CA ASP A 424 39.94 -5.29 -12.32
C ASP A 424 39.29 -5.54 -10.96
N LEU A 425 38.01 -5.19 -10.83
CA LEU A 425 37.27 -5.49 -9.60
C LEU A 425 37.06 -6.97 -9.36
N GLU A 426 37.04 -7.78 -10.42
CA GLU A 426 37.06 -9.21 -10.21
C GLU A 426 38.25 -9.64 -9.38
N GLU A 427 39.30 -8.83 -9.34
CA GLU A 427 40.49 -9.15 -8.55
C GLU A 427 40.53 -8.42 -7.21
N TYR A 428 40.33 -7.11 -7.19
CA TYR A 428 40.34 -6.34 -5.96
C TYR A 428 39.30 -5.24 -6.05
N GLY A 429 38.58 -5.01 -4.96
CA GLY A 429 37.45 -4.10 -5.00
C GLY A 429 37.74 -2.74 -4.42
N HIS A 430 38.86 -2.59 -3.73
CA HIS A 430 39.15 -1.38 -2.98
C HIS A 430 40.61 -0.99 -3.15
N ARG A 431 40.87 0.30 -2.95
CA ARG A 431 42.21 0.86 -3.02
C ARG A 431 42.40 1.78 -1.83
N LEU A 432 43.63 1.88 -1.35
CA LEU A 432 43.91 2.71 -0.19
C LEU A 432 43.68 4.15 -0.55
N SER A 433 43.04 4.89 0.36
CA SER A 433 42.76 6.29 0.10
C SER A 433 43.14 7.21 1.23
N TYR A 434 43.31 6.73 2.45
CA TYR A 434 43.50 7.67 3.54
C TYR A 434 44.24 6.97 4.67
N VAL A 435 44.81 7.78 5.56
CA VAL A 435 45.34 7.30 6.84
C VAL A 435 44.93 8.30 7.91
N SER A 436 43.98 7.93 8.75
CA SER A 436 43.62 8.76 9.89
C SER A 436 44.25 8.16 11.14
N GLU A 437 43.75 8.53 12.31
CA GLU A 437 44.24 7.94 13.53
C GLU A 437 43.11 7.91 14.55
N ILE A 438 43.39 7.19 15.64
CA ILE A 438 42.52 7.10 16.79
C ILE A 438 42.86 8.23 17.74
N PHE A 439 41.84 9.02 18.11
CA PHE A 439 41.99 10.03 19.14
C PHE A 439 42.34 9.37 20.47
N LYS A 440 43.54 9.63 20.97
CA LYS A 440 44.02 8.95 22.16
C LYS A 440 43.73 9.78 23.41
N GLU A 441 43.37 9.09 24.48
CA GLU A 441 43.15 9.72 25.78
C GLU A 441 44.43 9.80 26.60
N THR A 442 45.36 8.87 26.40
CA THR A 442 46.59 8.85 27.18
C THR A 442 47.75 8.30 26.37
N GLY A 443 48.96 8.63 26.79
CA GLY A 443 50.14 8.01 26.22
C GLY A 443 50.69 8.64 24.96
N SER A 444 51.30 7.81 24.12
CA SER A 444 52.17 8.23 23.03
C SER A 444 52.12 7.17 21.95
N GLY A 445 52.38 7.60 20.71
CA GLY A 445 52.37 6.71 19.56
C GLY A 445 51.08 6.79 18.77
N THR A 446 51.14 6.73 17.44
CA THR A 446 49.96 6.82 16.60
C THR A 446 49.30 5.45 16.46
N ILE A 447 48.00 5.39 16.72
CA ILE A 447 47.17 4.27 16.26
C ILE A 447 46.54 4.67 14.94
N PRO A 448 47.08 4.25 13.79
CA PRO A 448 46.55 4.69 12.50
C PRO A 448 45.31 3.92 12.09
N VAL A 449 44.53 4.52 11.21
CA VAL A 449 43.37 3.83 10.64
C VAL A 449 43.39 4.06 9.14
N LEU A 450 43.23 2.98 8.37
CA LEU A 450 43.35 3.04 6.93
C LEU A 450 41.98 3.22 6.27
N GLY A 451 41.91 4.13 5.31
CA GLY A 451 40.69 4.42 4.55
C GLY A 451 40.85 3.97 3.11
N TRP A 452 39.77 3.40 2.57
CA TRP A 452 39.73 2.77 1.25
C TRP A 452 38.58 3.34 0.42
N THR A 453 38.80 3.46 -0.89
CA THR A 453 37.76 3.78 -1.85
C THR A 453 37.57 2.62 -2.82
N HIS A 454 36.39 2.57 -3.43
CA HIS A 454 35.96 1.46 -4.28
C HIS A 454 36.56 1.60 -5.69
N VAL A 455 36.95 0.46 -6.27
CA VAL A 455 37.68 0.51 -7.54
C VAL A 455 36.77 0.83 -8.73
N SER A 456 35.45 0.85 -8.53
CA SER A 456 34.57 1.29 -9.62
C SER A 456 34.78 2.76 -9.95
N VAL A 457 35.29 3.55 -9.01
CA VAL A 457 35.63 4.93 -9.33
C VAL A 457 36.84 4.95 -10.24
N ARG A 458 36.73 5.65 -11.35
CA ARG A 458 37.77 5.69 -12.33
C ARG A 458 38.44 7.06 -12.31
N PRO A 459 39.75 7.13 -12.56
CA PRO A 459 40.47 8.41 -12.39
C PRO A 459 40.34 9.37 -13.55
N ASP A 460 39.64 8.99 -14.63
CA ASP A 460 39.63 9.83 -15.82
CA ASP A 460 39.56 9.72 -15.90
C ASP A 460 38.36 10.65 -16.02
N ASN A 461 37.26 10.33 -15.36
CA ASN A 461 35.95 10.92 -15.71
C ASN A 461 35.68 10.75 -17.20
N LYS A 462 35.96 9.55 -17.70
CA LYS A 462 35.74 9.23 -19.09
C LYS A 462 34.25 9.28 -19.44
N LEU A 463 33.94 9.91 -20.58
CA LEU A 463 32.61 9.79 -21.16
C LEU A 463 32.61 8.55 -22.05
N TYR A 464 31.57 7.74 -21.93
CA TYR A 464 31.45 6.57 -22.78
C TYR A 464 30.42 6.86 -23.86
N PRO A 465 30.82 7.04 -25.11
CA PRO A 465 29.85 6.93 -26.19
C PRO A 465 29.24 5.54 -26.15
N ASP A 466 28.01 5.43 -26.63
CA ASP A 466 27.21 4.21 -26.62
C ASP A 466 26.77 3.78 -25.23
N LYS A 467 27.00 4.61 -24.20
CA LYS A 467 26.64 4.27 -22.83
C LYS A 467 26.17 5.53 -22.13
N ILE A 468 25.32 5.33 -21.13
CA ILE A 468 25.04 6.41 -20.19
C ILE A 468 26.18 6.44 -19.18
N THR A 469 26.86 7.57 -19.09
CA THR A 469 27.96 7.73 -18.16
C THR A 469 27.43 8.49 -16.96
N GLN A 470 27.44 7.83 -15.81
CA GLN A 470 26.89 8.42 -14.60
C GLN A 470 28.08 8.79 -13.72
N ILE A 471 28.29 10.09 -13.57
CA ILE A 471 29.46 10.64 -12.90
C ILE A 471 28.95 11.37 -11.66
N PRO A 472 29.38 10.98 -10.46
CA PRO A 472 28.91 11.67 -9.26
C PRO A 472 29.41 13.10 -9.25
N ALA A 473 28.59 13.98 -8.69
CA ALA A 473 29.01 15.36 -8.55
C ALA A 473 30.32 15.47 -7.77
N VAL A 474 30.57 14.55 -6.84
CA VAL A 474 31.81 14.64 -6.07
C VAL A 474 33.04 14.30 -6.91
N LYS A 475 32.86 13.77 -8.13
CA LYS A 475 34.00 13.62 -9.04
C LYS A 475 34.51 14.96 -9.57
N ALA A 476 33.85 16.07 -9.25
CA ALA A 476 34.39 17.41 -9.48
C ALA A 476 35.76 17.57 -8.83
N PHE A 477 36.42 18.70 -9.14
CA PHE A 477 37.67 19.06 -8.48
C PHE A 477 37.62 20.42 -7.80
N GLU A 478 36.54 21.16 -7.94
CA GLU A 478 36.39 22.45 -7.27
C GLU A 478 34.90 22.77 -7.13
N THR A 479 34.56 23.43 -6.03
CA THR A 479 33.23 23.94 -5.77
C THR A 479 33.35 25.40 -5.37
N ASN A 480 32.21 26.10 -5.40
CA ASN A 480 32.20 27.50 -5.02
C ASN A 480 32.59 27.66 -3.56
N THR A 481 33.11 28.85 -3.23
CA THR A 481 33.61 29.09 -1.88
C THR A 481 32.52 29.18 -0.83
N ALA A 482 31.27 29.44 -1.23
CA ALA A 482 30.19 29.52 -0.28
C ALA A 482 28.93 28.97 -0.94
N GLY A 483 27.97 28.60 -0.10
CA GLY A 483 26.71 28.08 -0.58
C GLY A 483 26.74 26.68 -1.13
N VAL A 484 27.90 26.02 -1.14
CA VAL A 484 28.04 24.65 -1.63
C VAL A 484 28.74 23.83 -0.56
N GLU A 485 28.06 22.79 -0.09
CA GLU A 485 28.57 21.91 0.95
C GLU A 485 28.48 20.47 0.46
N ILE A 486 29.32 19.61 1.03
CA ILE A 486 29.32 18.20 0.70
C ILE A 486 28.88 17.45 1.95
N ILE A 487 27.89 16.57 1.79
CA ILE A 487 27.18 16.01 2.93
C ILE A 487 27.02 14.51 2.69
N ASP A 488 26.78 13.79 3.78
CA ASP A 488 26.60 12.36 3.71
C ASP A 488 25.27 12.01 3.06
N SER A 489 25.24 10.85 2.41
CA SER A 489 24.02 10.28 1.84
C SER A 489 24.21 8.78 1.80
N ALA A 490 23.32 8.05 2.49
CA ALA A 490 23.44 6.61 2.65
C ALA A 490 23.02 5.81 1.43
N SER A 491 22.19 6.37 0.55
CA SER A 491 21.56 5.59 -0.50
C SER A 491 22.13 5.81 -1.88
N THR A 492 23.05 6.76 -2.06
CA THR A 492 23.54 7.10 -3.40
C THR A 492 24.95 6.59 -3.64
N GLY A 493 25.48 5.76 -2.73
CA GLY A 493 26.79 5.19 -2.93
C GLY A 493 27.93 6.12 -2.59
N GLY A 494 27.66 7.30 -2.04
CA GLY A 494 28.70 8.25 -1.77
C GLY A 494 28.08 9.58 -1.42
N PRO A 495 28.89 10.59 -1.16
CA PRO A 495 28.34 11.89 -0.75
C PRO A 495 27.75 12.65 -1.93
N ILE A 496 27.05 13.73 -1.60
CA ILE A 496 26.30 14.53 -2.57
C ILE A 496 26.56 16.00 -2.30
N LEU A 497 26.19 16.85 -3.25
CA LEU A 497 26.32 18.29 -3.08
C LEU A 497 25.03 18.89 -2.53
N LYS A 498 25.20 19.83 -1.58
CA LYS A 498 24.08 20.59 -1.02
C LYS A 498 24.29 22.07 -1.33
N ILE A 499 23.45 22.62 -2.19
CA ILE A 499 23.54 24.02 -2.60
C ILE A 499 22.41 24.80 -1.91
N VAL A 500 22.78 25.89 -1.23
CA VAL A 500 21.83 26.84 -0.68
C VAL A 500 21.98 28.15 -1.47
N ASN A 501 20.92 28.55 -2.17
CA ASN A 501 21.05 29.54 -3.24
C ASN A 501 21.40 30.93 -2.68
N ASN A 502 20.71 31.36 -1.63
CA ASN A 502 21.03 32.67 -1.07
C ASN A 502 22.46 32.76 -0.55
N ASN A 503 23.16 31.64 -0.40
CA ASN A 503 24.56 31.68 0.04
C ASN A 503 25.54 31.48 -1.11
N LEU A 504 25.07 31.21 -2.32
CA LEU A 504 25.94 31.17 -3.48
C LEU A 504 26.55 32.55 -3.74
N PRO A 505 27.87 32.67 -3.78
CA PRO A 505 28.46 33.93 -4.24
C PRO A 505 28.06 34.27 -5.66
N SER A 506 28.06 33.28 -6.54
CA SER A 506 27.72 33.48 -7.93
C SER A 506 26.96 32.24 -8.40
N ASN A 507 26.71 32.18 -9.71
CA ASN A 507 25.94 31.08 -10.27
C ASN A 507 26.69 29.76 -10.26
N GLN A 508 28.03 29.81 -10.25
CA GLN A 508 28.81 28.61 -10.45
C GLN A 508 28.75 27.70 -9.24
N VAL A 509 28.48 26.41 -9.46
CA VAL A 509 28.42 25.44 -8.37
C VAL A 509 29.73 24.65 -8.28
N PHE A 510 30.13 23.99 -9.37
CA PHE A 510 31.35 23.21 -9.30
C PHE A 510 32.06 23.19 -10.65
N ARG A 511 33.30 22.71 -10.64
CA ARG A 511 34.05 22.42 -11.86
C ARG A 511 34.43 20.96 -11.92
N MET A 512 34.48 20.43 -13.12
CA MET A 512 34.77 19.03 -13.36
C MET A 512 35.50 18.92 -14.68
N ARG A 513 36.51 18.05 -14.75
CA ARG A 513 37.21 17.78 -16.00
C ARG A 513 36.76 16.44 -16.55
N LEU A 514 36.49 16.39 -17.84
CA LEU A 514 36.03 15.19 -18.49
C LEU A 514 37.08 14.71 -19.48
N SER A 515 37.05 13.40 -19.79
CA SER A 515 37.97 12.78 -20.72
C SER A 515 37.17 12.17 -21.84
N PHE A 516 37.48 12.56 -23.08
CA PHE A 516 36.89 11.92 -24.26
C PHE A 516 37.91 12.02 -25.40
N SER A 517 37.76 11.10 -26.37
CA SER A 517 38.64 11.12 -27.55
C SER A 517 38.14 12.14 -28.56
N GLU A 518 36.99 11.85 -29.17
CA GLU A 518 36.31 12.68 -30.16
C GLU A 518 35.33 13.63 -29.48
N PRO A 519 34.92 14.70 -30.17
CA PRO A 519 33.78 15.48 -29.70
C PRO A 519 32.57 14.60 -29.43
N GLN A 520 31.84 14.93 -28.38
CA GLN A 520 30.76 14.12 -27.84
C GLN A 520 29.44 14.88 -27.96
N LYS A 521 28.45 14.25 -28.58
CA LYS A 521 27.11 14.80 -28.71
C LYS A 521 26.27 14.27 -27.55
N ILE A 522 25.94 15.16 -26.60
CA ILE A 522 25.47 14.75 -25.28
C ILE A 522 24.12 15.36 -24.94
N LYS A 523 23.42 14.69 -24.03
CA LYS A 523 22.42 15.30 -23.16
C LYS A 523 22.97 15.13 -21.74
N VAL A 524 22.80 16.14 -20.90
CA VAL A 524 23.19 16.05 -19.50
C VAL A 524 21.92 15.93 -18.66
N ARG A 525 21.79 14.82 -17.95
CA ARG A 525 20.68 14.59 -17.03
C ARG A 525 21.23 14.61 -15.60
N VAL A 526 20.78 15.57 -14.82
CA VAL A 526 21.13 15.66 -13.42
C VAL A 526 20.09 14.93 -12.58
N ARG A 527 20.56 14.12 -11.63
CA ARG A 527 19.71 13.51 -10.62
C ARG A 527 19.81 14.40 -9.38
N TYR A 528 18.71 15.10 -9.06
CA TYR A 528 18.73 16.21 -8.11
C TYR A 528 17.54 16.14 -7.18
N ALA A 529 17.57 16.99 -6.16
CA ALA A 529 16.47 17.20 -5.24
C ALA A 529 16.47 18.67 -4.86
N ALA A 530 15.27 19.22 -4.63
CA ALA A 530 15.17 20.65 -4.37
C ALA A 530 13.90 20.93 -3.58
N THR A 531 13.98 21.95 -2.73
CA THR A 531 12.88 22.45 -1.92
C THR A 531 12.15 23.61 -2.57
N GLY A 532 12.59 24.05 -3.75
CA GLY A 532 11.95 25.13 -4.45
C GLY A 532 12.32 25.07 -5.92
N ASP A 533 11.81 26.03 -6.66
CA ASP A 533 11.96 26.10 -8.11
C ASP A 533 13.22 26.88 -8.47
N GLY A 534 13.76 26.58 -9.65
CA GLY A 534 14.85 27.40 -10.15
C GLY A 534 15.31 26.96 -11.52
N VAL A 535 16.50 27.45 -11.90
CA VAL A 535 17.05 27.27 -13.23
C VAL A 535 18.49 26.78 -13.11
N MET A 536 18.83 25.74 -13.86
CA MET A 536 20.13 25.12 -13.85
C MET A 536 20.77 25.24 -15.23
N SER A 537 22.10 25.11 -15.29
CA SER A 537 22.82 25.22 -16.55
C SER A 537 24.11 24.42 -16.47
N PHE A 538 24.56 23.93 -17.63
CA PHE A 538 25.75 23.08 -17.68
C PHE A 538 26.57 23.43 -18.92
N SER A 539 27.89 23.32 -18.79
CA SER A 539 28.78 23.66 -19.88
C SER A 539 28.41 22.87 -21.13
N GLY A 540 28.62 23.49 -22.29
CA GLY A 540 28.40 22.81 -23.55
C GLY A 540 26.96 22.70 -23.96
N ILE A 541 26.02 23.15 -23.13
CA ILE A 541 24.60 23.10 -23.45
C ILE A 541 24.08 24.52 -23.45
N ALA A 542 23.44 24.89 -24.56
CA ALA A 542 23.09 26.28 -24.80
C ALA A 542 21.99 26.75 -23.86
N HIS A 543 20.88 26.03 -23.78
CA HIS A 543 19.73 26.51 -23.01
C HIS A 543 19.78 26.04 -21.56
N ASP A 544 19.48 26.95 -20.64
CA ASP A 544 19.31 26.61 -19.24
C ASP A 544 17.96 25.94 -19.04
N GLU A 545 17.84 25.13 -18.00
CA GLU A 545 16.64 24.32 -17.80
C GLU A 545 15.99 24.64 -16.47
N TYR A 546 14.73 25.06 -16.51
CA TYR A 546 13.94 25.27 -15.31
C TYR A 546 13.62 23.94 -14.62
N PHE A 547 13.77 23.90 -13.29
CA PHE A 547 13.38 22.73 -12.50
C PHE A 547 12.40 23.11 -11.39
N THR A 548 11.58 22.13 -11.00
CA THR A 548 10.61 22.31 -9.92
C THR A 548 11.05 21.58 -8.66
N ALA A 549 10.34 21.89 -7.58
CA ALA A 549 10.63 21.29 -6.28
C ALA A 549 10.32 19.80 -6.29
N THR A 550 11.10 19.06 -5.52
CA THR A 550 10.83 17.65 -5.33
C THR A 550 10.46 17.30 -3.89
N MET A 551 10.56 18.25 -2.97
CA MET A 551 10.45 17.96 -1.55
C MET A 551 10.21 19.28 -0.82
N LYS A 552 9.75 19.17 0.42
CA LYS A 552 9.59 20.32 1.30
C LYS A 552 10.79 20.40 2.23
N GLU A 553 11.13 21.62 2.65
CA GLU A 553 12.30 21.80 3.47
C GLU A 553 12.21 20.94 4.72
N GLY A 554 13.33 20.33 5.08
CA GLY A 554 13.43 19.48 6.25
C GLY A 554 13.15 18.02 6.03
N GLU A 555 12.18 17.68 5.18
CA GLU A 555 11.78 16.28 5.07
C GLU A 555 12.87 15.48 4.35
N ALA A 556 12.59 14.19 4.15
CA ALA A 556 13.58 13.32 3.54
C ALA A 556 13.85 13.76 2.10
N LEU A 557 15.08 13.53 1.64
CA LEU A 557 15.39 13.89 0.27
C LEU A 557 14.60 13.00 -0.66
N LYS A 558 14.08 13.59 -1.73
CA LYS A 558 13.38 12.84 -2.75
C LYS A 558 13.87 13.35 -4.09
N TYR A 559 14.29 12.44 -4.95
CA TYR A 559 15.03 12.77 -6.16
C TYR A 559 14.14 12.65 -7.39
N SER A 560 14.34 13.56 -8.34
CA SER A 560 13.91 13.27 -9.70
C SER A 560 15.03 13.60 -10.68
N TYR A 561 14.70 13.73 -11.95
CA TYR A 561 15.68 13.97 -13.00
C TYR A 561 15.34 15.24 -13.76
N LEU A 562 16.41 15.86 -14.26
CA LEU A 562 16.33 17.14 -14.95
C LEU A 562 17.28 17.04 -16.14
N THR A 563 16.74 17.19 -17.34
CA THR A 563 17.51 16.97 -18.55
C THR A 563 17.85 18.30 -19.22
N MET A 564 19.13 18.48 -19.54
CA MET A 564 19.60 19.64 -20.29
C MET A 564 20.10 19.15 -21.64
N GLY A 565 19.68 19.84 -22.69
CA GLY A 565 19.95 19.40 -24.05
C GLY A 565 18.77 18.78 -24.75
N ASN A 566 17.55 18.97 -24.25
CA ASN A 566 16.38 18.52 -24.97
C ASN A 566 16.03 19.45 -26.13
N ASP A 567 16.30 20.76 -25.98
CA ASP A 567 16.10 21.68 -27.09
C ASP A 567 17.10 21.40 -28.21
N TYR A 568 18.41 21.46 -27.91
CA TYR A 568 19.43 21.09 -28.88
C TYR A 568 20.57 20.36 -28.18
N ALA A 569 20.96 19.22 -28.74
CA ALA A 569 22.08 18.47 -28.20
C ALA A 569 23.28 19.38 -27.99
N GLY A 570 23.99 19.14 -26.89
CA GLY A 570 25.18 19.90 -26.57
C GLY A 570 26.43 19.12 -26.91
N THR A 571 27.56 19.77 -26.70
CA THR A 571 28.85 19.13 -26.91
C THR A 571 29.66 19.21 -25.62
N ALA A 572 30.20 18.06 -25.20
CA ALA A 572 30.95 17.93 -23.95
C ALA A 572 32.12 18.88 -23.91
N ALA A 573 32.12 19.77 -22.92
CA ALA A 573 33.29 20.57 -22.63
C ALA A 573 34.25 19.79 -21.73
N GLU A 574 35.52 19.72 -22.12
CA GLU A 574 36.51 19.07 -21.27
C GLU A 574 36.55 19.67 -19.88
N LEU A 575 36.29 20.97 -19.76
CA LEU A 575 36.16 21.65 -18.47
C LEU A 575 34.69 22.03 -18.33
N SER A 576 33.94 21.24 -17.56
CA SER A 576 32.50 21.42 -17.45
C SER A 576 32.12 21.99 -16.10
N MET A 577 31.18 22.92 -16.13
CA MET A 577 30.70 23.61 -14.95
C MET A 577 29.20 23.42 -14.85
N LEU A 578 28.71 23.20 -13.64
CA LEU A 578 27.29 23.25 -13.35
C LEU A 578 26.99 24.59 -12.71
N TYR A 579 25.87 25.18 -13.11
CA TYR A 579 25.48 26.50 -12.65
C TYR A 579 24.07 26.45 -12.09
N ILE A 580 23.82 27.29 -11.09
CA ILE A 580 22.48 27.62 -10.64
C ILE A 580 22.30 29.10 -10.92
N ILE A 581 21.29 29.44 -11.72
CA ILE A 581 21.03 30.83 -12.08
C ILE A 581 20.34 31.46 -10.88
N LYS A 582 21.10 32.17 -10.05
CA LYS A 582 20.57 32.70 -8.79
C LYS A 582 19.32 33.53 -9.02
N ALA A 583 19.38 34.45 -10.01
CA ALA A 583 18.34 35.45 -10.21
C ALA A 583 16.97 34.84 -10.42
N ASN A 584 16.89 33.67 -11.04
CA ASN A 584 15.62 33.04 -11.36
C ASN A 584 15.38 31.79 -10.53
N THR A 585 16.11 31.64 -9.44
CA THR A 585 15.96 30.49 -8.55
C THR A 585 15.39 30.96 -7.22
N SER A 586 14.45 30.20 -6.69
CA SER A 586 13.83 30.56 -5.42
C SER A 586 14.86 30.48 -4.28
N ASN A 587 14.41 30.85 -3.08
CA ASN A 587 15.25 30.80 -1.89
C ASN A 587 15.12 29.40 -1.30
N CYS A 588 15.85 28.46 -1.88
CA CYS A 588 15.65 27.05 -1.60
C CYS A 588 17.01 26.36 -1.42
N THR A 589 16.94 25.04 -1.23
CA THR A 589 18.09 24.17 -1.14
C THR A 589 18.00 23.17 -2.30
N ILE A 590 19.14 22.94 -2.95
CA ILE A 590 19.26 22.02 -4.07
C ILE A 590 20.32 20.97 -3.73
N TYR A 591 20.01 19.72 -4.02
CA TYR A 591 20.96 18.63 -3.83
C TYR A 591 21.28 18.04 -5.19
N ILE A 592 22.57 17.87 -5.47
CA ILE A 592 23.04 17.29 -6.72
C ILE A 592 23.65 15.95 -6.38
N ASP A 593 23.11 14.88 -6.93
CA ASP A 593 23.63 13.54 -6.68
C ASP A 593 24.55 13.14 -7.84
N LYS A 594 23.98 12.71 -8.96
CA LYS A 594 24.76 12.23 -10.09
C LYS A 594 24.58 13.14 -11.30
N ILE A 595 25.60 13.14 -12.15
CA ILE A 595 25.56 13.81 -13.45
C ILE A 595 25.60 12.72 -14.50
N GLU A 596 24.61 12.72 -15.39
CA GLU A 596 24.50 11.63 -16.36
C GLU A 596 24.62 12.19 -17.77
N PHE A 597 25.62 11.69 -18.49
CA PHE A 597 25.88 12.06 -19.87
C PHE A 597 25.21 11.01 -20.74
N ILE A 598 24.16 11.43 -21.44
CA ILE A 598 23.33 10.55 -22.24
C ILE A 598 23.78 10.70 -23.69
N PRO A 599 24.08 9.61 -24.40
CA PRO A 599 24.55 9.73 -25.77
C PRO A 599 23.40 9.92 -26.74
N VAL A 600 23.54 10.89 -27.64
CA VAL A 600 22.54 11.16 -28.68
C VAL A 600 23.10 10.66 -30.01
N VAL A 601 22.20 10.26 -30.90
CA VAL A 601 22.64 9.78 -32.21
C VAL A 601 22.57 10.90 -33.25
N SER B 12 -34.05 0.88 -17.13
CA SER B 12 -33.91 1.74 -15.97
C SER B 12 -32.62 1.39 -15.22
N MET B 13 -31.86 2.41 -14.86
CA MET B 13 -30.57 2.17 -14.25
C MET B 13 -30.70 1.77 -12.79
N ILE B 14 -31.75 2.27 -12.11
CA ILE B 14 -32.04 1.84 -10.74
C ILE B 14 -32.44 0.37 -10.73
N PHE B 15 -33.28 -0.03 -11.68
CA PHE B 15 -33.67 -1.44 -11.75
C PHE B 15 -32.45 -2.31 -12.02
N SER B 16 -31.55 -1.85 -12.89
CA SER B 16 -30.31 -2.56 -13.11
C SER B 16 -29.51 -2.73 -11.81
N SER B 17 -29.45 -1.67 -11.01
CA SER B 17 -28.70 -1.73 -9.76
C SER B 17 -29.32 -2.74 -8.81
N ILE B 18 -30.64 -2.67 -8.61
CA ILE B 18 -31.37 -3.65 -7.80
C ILE B 18 -31.07 -5.06 -8.26
N SER B 19 -31.09 -5.28 -9.58
CA SER B 19 -30.85 -6.62 -10.12
C SER B 19 -29.40 -7.09 -9.91
N ILE B 20 -28.42 -6.17 -9.88
CA ILE B 20 -27.04 -6.58 -9.66
C ILE B 20 -26.87 -7.08 -8.23
N ILE B 21 -27.31 -6.29 -7.25
CA ILE B 21 -27.33 -6.74 -5.86
C ILE B 21 -27.98 -8.11 -5.75
N ARG B 22 -29.16 -8.27 -6.39
CA ARG B 22 -29.90 -9.52 -6.28
C ARG B 22 -29.12 -10.68 -6.88
N THR B 23 -28.48 -10.43 -8.02
CA THR B 23 -27.69 -11.48 -8.66
C THR B 23 -26.58 -11.97 -7.74
N PHE B 24 -25.89 -11.05 -7.06
CA PHE B 24 -24.83 -11.51 -6.19
C PHE B 24 -25.36 -12.11 -4.90
N MET B 25 -26.41 -11.53 -4.31
CA MET B 25 -27.00 -12.13 -3.12
C MET B 25 -27.60 -13.49 -3.43
N GLY B 26 -28.27 -13.61 -4.57
CA GLY B 26 -28.80 -14.90 -4.96
C GLY B 26 -27.71 -15.92 -5.17
N PHE B 27 -26.60 -15.52 -5.79
CA PHE B 27 -25.56 -16.49 -6.07
C PHE B 27 -24.84 -16.93 -4.80
N ALA B 28 -24.68 -16.03 -3.83
CA ALA B 28 -24.12 -16.44 -2.55
C ALA B 28 -25.06 -17.41 -1.85
N GLY B 29 -26.38 -17.18 -1.97
CA GLY B 29 -27.36 -17.95 -1.24
C GLY B 29 -27.75 -19.26 -1.88
N HIS B 30 -27.60 -19.39 -3.20
CA HIS B 30 -27.87 -20.67 -3.83
C HIS B 30 -27.17 -20.80 -5.18
N GLY B 31 -25.90 -20.41 -5.23
CA GLY B 31 -25.06 -20.73 -6.36
C GLY B 31 -23.90 -21.62 -5.96
N THR B 32 -23.37 -22.35 -6.93
CA THR B 32 -22.24 -23.25 -6.68
C THR B 32 -21.04 -22.78 -7.50
N ALA B 33 -19.83 -23.11 -7.04
CA ALA B 33 -18.62 -22.69 -7.73
C ALA B 33 -18.66 -23.00 -9.24
N GLY B 34 -19.57 -23.88 -9.68
CA GLY B 34 -19.63 -24.19 -11.09
C GLY B 34 -20.77 -23.52 -11.85
N GLY B 35 -21.83 -23.12 -11.14
CA GLY B 35 -22.77 -22.15 -11.66
C GLY B 35 -22.10 -20.83 -11.96
N ILE B 36 -20.79 -20.74 -11.76
CA ILE B 36 -20.11 -19.45 -11.81
C ILE B 36 -20.02 -18.93 -13.23
N ILE B 37 -20.05 -19.80 -14.24
CA ILE B 37 -20.08 -19.28 -15.59
C ILE B 37 -21.43 -18.62 -15.87
N GLY B 38 -22.51 -19.23 -15.39
CA GLY B 38 -23.79 -18.56 -15.43
C GLY B 38 -23.74 -17.19 -14.79
N LEU B 39 -23.09 -17.11 -13.62
CA LEU B 39 -23.04 -15.84 -12.89
C LEU B 39 -22.32 -14.76 -13.68
N PHE B 40 -21.11 -15.07 -14.17
CA PHE B 40 -20.38 -14.09 -14.95
C PHE B 40 -21.17 -13.65 -16.17
N THR B 41 -21.95 -14.55 -16.74
CA THR B 41 -22.74 -14.18 -17.92
C THR B 41 -23.86 -13.22 -17.57
N GLU B 42 -24.64 -13.52 -16.51
CA GLU B 42 -25.66 -12.59 -16.05
C GLU B 42 -25.05 -11.24 -15.70
N VAL B 43 -23.97 -11.25 -14.90
CA VAL B 43 -23.36 -10.01 -14.45
C VAL B 43 -22.87 -9.18 -15.64
N LEU B 44 -22.16 -9.82 -16.57
CA LEU B 44 -21.59 -9.07 -17.68
C LEU B 44 -22.69 -8.46 -18.54
N ARG B 45 -23.81 -9.17 -18.71
CA ARG B 45 -24.90 -8.58 -19.48
C ARG B 45 -25.66 -7.52 -18.69
N LEU B 46 -25.74 -7.64 -17.36
CA LEU B 46 -26.32 -6.54 -16.59
C LEU B 46 -25.46 -5.30 -16.65
N LEU B 47 -24.14 -5.47 -16.49
CA LEU B 47 -23.27 -4.32 -16.34
C LEU B 47 -22.84 -3.74 -17.69
N TRP B 48 -22.73 -4.55 -18.73
CA TRP B 48 -22.45 -4.09 -20.09
C TRP B 48 -23.55 -4.58 -21.02
N PRO B 49 -24.77 -4.01 -20.93
CA PRO B 49 -25.84 -4.39 -21.87
C PRO B 49 -25.37 -4.29 -23.32
N ASN B 50 -25.48 -5.40 -24.05
CA ASN B 50 -25.06 -5.45 -25.46
C ASN B 50 -23.60 -5.02 -25.65
N LYS B 51 -22.77 -5.37 -24.67
CA LYS B 51 -21.34 -5.09 -24.71
C LYS B 51 -21.05 -3.61 -24.92
N GLN B 52 -21.97 -2.76 -24.45
CA GLN B 52 -21.81 -1.31 -24.51
C GLN B 52 -21.71 -0.77 -23.09
N ASN B 53 -21.24 0.46 -22.96
CA ASN B 53 -21.03 1.03 -21.64
C ASN B 53 -22.14 2.00 -21.21
N ASP B 54 -23.36 1.83 -21.75
CA ASP B 54 -24.46 2.78 -21.46
C ASP B 54 -24.81 2.82 -19.97
N LEU B 55 -24.81 1.67 -19.30
CA LEU B 55 -25.13 1.66 -17.88
C LEU B 55 -24.11 2.44 -17.05
N TRP B 56 -22.81 2.27 -17.38
CA TRP B 56 -21.80 3.03 -16.64
C TRP B 56 -21.96 4.52 -16.87
N GLU B 57 -22.29 4.92 -18.11
CA GLU B 57 -22.61 6.32 -18.37
C GLU B 57 -23.78 6.77 -17.52
N SER B 58 -24.82 5.93 -17.42
CA SER B 58 -25.95 6.29 -16.55
C SER B 58 -25.50 6.46 -15.10
N PHE B 59 -24.60 5.59 -14.61
CA PHE B 59 -24.10 5.70 -13.25
C PHE B 59 -23.45 7.06 -13.01
N MET B 60 -22.61 7.49 -13.96
CA MET B 60 -21.97 8.80 -13.87
C MET B 60 -22.98 9.94 -13.98
N ASN B 61 -23.79 9.95 -15.07
CA ASN B 61 -24.77 11.02 -15.24
C ASN B 61 -25.69 11.16 -14.02
N GLU B 62 -26.10 10.05 -13.41
CA GLU B 62 -27.06 10.14 -12.31
C GLU B 62 -26.42 10.70 -11.04
N VAL B 63 -25.18 10.29 -10.73
CA VAL B 63 -24.56 10.78 -9.51
C VAL B 63 -24.13 12.21 -9.70
N GLU B 64 -23.58 12.53 -10.88
CA GLU B 64 -23.36 13.92 -11.28
C GLU B 64 -24.57 14.78 -10.94
N ALA B 65 -25.78 14.31 -11.27
CA ALA B 65 -26.97 15.09 -10.99
C ALA B 65 -27.28 15.10 -9.49
N LEU B 66 -27.12 13.95 -8.82
CA LEU B 66 -27.56 13.84 -7.43
C LEU B 66 -26.78 14.79 -6.51
N ILE B 67 -25.47 14.96 -6.76
CA ILE B 67 -24.64 15.84 -5.94
C ILE B 67 -24.24 17.09 -6.68
N ASN B 68 -24.76 17.28 -7.89
CA ASN B 68 -24.48 18.45 -8.73
C ASN B 68 -22.98 18.75 -8.78
N GLN B 69 -22.24 17.79 -9.32
CA GLN B 69 -20.83 17.99 -9.63
C GLN B 69 -20.53 17.20 -10.88
N GLU B 70 -20.10 17.88 -11.94
CA GLU B 70 -19.89 17.25 -13.23
C GLU B 70 -18.47 16.69 -13.30
N ILE B 71 -18.23 15.87 -14.33
CA ILE B 71 -16.96 15.20 -14.54
C ILE B 71 -16.41 15.65 -15.87
N THR B 72 -15.13 16.03 -15.89
CA THR B 72 -14.48 16.47 -17.11
C THR B 72 -14.42 15.34 -18.14
N GLU B 73 -14.49 15.72 -19.42
CA GLU B 73 -14.53 14.71 -20.49
C GLU B 73 -13.29 13.81 -20.48
N ALA B 74 -12.17 14.29 -19.92
CA ALA B 74 -10.97 13.45 -19.88
C ALA B 74 -11.12 12.35 -18.85
N VAL B 75 -11.64 12.69 -17.66
CA VAL B 75 -11.83 11.68 -16.62
C VAL B 75 -12.86 10.65 -17.06
N VAL B 76 -13.97 11.12 -17.63
CA VAL B 76 -15.01 10.22 -18.16
C VAL B 76 -14.41 9.27 -19.19
N SER B 77 -13.69 9.82 -20.16
CA SER B 77 -13.12 9.01 -21.24
C SER B 77 -12.18 7.95 -20.71
N LYS B 78 -11.27 8.33 -19.80
CA LYS B 78 -10.33 7.35 -19.28
C LYS B 78 -11.06 6.24 -18.54
N ALA B 79 -11.99 6.62 -17.65
CA ALA B 79 -12.74 5.61 -16.91
C ALA B 79 -13.52 4.70 -17.87
N LEU B 80 -14.11 5.27 -18.91
CA LEU B 80 -14.92 4.50 -19.84
C LEU B 80 -14.07 3.52 -20.64
N SER B 81 -12.90 3.96 -21.12
CA SER B 81 -12.07 3.05 -21.91
C SER B 81 -11.49 1.94 -21.06
N GLU B 82 -11.19 2.20 -19.79
CA GLU B 82 -10.76 1.11 -18.93
C GLU B 82 -11.91 0.20 -18.51
N LEU B 83 -13.14 0.73 -18.44
CA LEU B 83 -14.29 -0.14 -18.23
C LEU B 83 -14.46 -1.10 -19.42
N GLU B 84 -14.16 -0.63 -20.63
CA GLU B 84 -14.25 -1.48 -21.81
C GLU B 84 -13.17 -2.55 -21.80
N GLY B 85 -11.95 -2.17 -21.41
CA GLY B 85 -10.91 -3.17 -21.21
C GLY B 85 -11.32 -4.21 -20.18
N LEU B 86 -11.87 -3.74 -19.06
CA LEU B 86 -12.33 -4.66 -18.02
C LEU B 86 -13.37 -5.63 -18.56
N ARG B 87 -14.28 -5.17 -19.43
CA ARG B 87 -15.28 -6.09 -19.95
C ARG B 87 -14.65 -7.13 -20.87
N ASN B 88 -13.79 -6.71 -21.79
CA ASN B 88 -13.09 -7.67 -22.62
C ASN B 88 -12.30 -8.65 -21.77
N ALA B 89 -11.51 -8.13 -20.81
CA ALA B 89 -10.73 -9.01 -19.94
C ALA B 89 -11.64 -9.98 -19.19
N LEU B 90 -12.75 -9.47 -18.63
CA LEU B 90 -13.67 -10.35 -17.94
C LEU B 90 -14.26 -11.41 -18.87
N GLU B 91 -14.63 -10.99 -20.10
CA GLU B 91 -15.17 -11.96 -21.05
C GLU B 91 -14.11 -13.00 -21.43
N GLY B 92 -12.88 -12.56 -21.69
CA GLY B 92 -11.81 -13.52 -21.94
C GLY B 92 -11.58 -14.46 -20.76
N TYR B 93 -11.61 -13.92 -19.54
CA TYR B 93 -11.42 -14.80 -18.40
C TYR B 93 -12.57 -15.79 -18.27
N THR B 94 -13.80 -15.32 -18.51
CA THR B 94 -14.95 -16.22 -18.41
C THR B 94 -14.83 -17.38 -19.38
N SER B 95 -14.33 -17.11 -20.59
CA SER B 95 -14.20 -18.15 -21.61
C SER B 95 -13.11 -19.16 -21.23
N ALA B 96 -11.92 -18.67 -20.88
CA ALA B 96 -10.89 -19.57 -20.35
C ALA B 96 -11.43 -20.38 -19.19
N LEU B 97 -12.20 -19.75 -18.30
CA LEU B 97 -12.74 -20.50 -17.17
C LEU B 97 -13.70 -21.60 -17.63
N GLU B 98 -14.51 -21.31 -18.66
CA GLU B 98 -15.43 -22.33 -19.19
C GLU B 98 -14.66 -23.46 -19.86
N ALA B 99 -13.72 -23.12 -20.75
CA ALA B 99 -12.94 -24.15 -21.42
C ALA B 99 -12.27 -25.07 -20.40
N TRP B 100 -11.52 -24.48 -19.46
CA TRP B 100 -10.85 -25.29 -18.45
C TRP B 100 -11.84 -26.14 -17.68
N GLN B 101 -13.00 -25.58 -17.37
CA GLN B 101 -13.94 -26.28 -16.50
C GLN B 101 -14.38 -27.61 -17.09
N ASN B 102 -14.54 -27.67 -18.41
CA ASN B 102 -14.96 -28.89 -19.07
C ASN B 102 -13.77 -29.77 -19.46
N ASN B 103 -12.56 -29.42 -19.02
CA ASN B 103 -11.37 -30.15 -19.42
C ASN B 103 -10.23 -29.86 -18.44
N ARG B 104 -10.41 -30.26 -17.17
CA ARG B 104 -9.54 -29.77 -16.10
C ARG B 104 -8.14 -30.38 -16.18
N SER B 105 -8.06 -31.66 -16.55
CA SER B 105 -6.75 -32.31 -16.65
C SER B 105 -5.85 -31.59 -17.64
N ASP B 106 -6.43 -30.98 -18.67
CA ASP B 106 -5.69 -30.35 -19.76
C ASP B 106 -4.78 -29.25 -19.24
N LYS B 107 -3.49 -29.53 -19.18
CA LYS B 107 -2.56 -28.59 -18.55
C LYS B 107 -2.47 -27.29 -19.32
N LEU B 108 -2.75 -27.32 -20.63
CA LEU B 108 -2.81 -26.09 -21.40
C LEU B 108 -4.04 -25.25 -21.04
N LYS B 109 -5.18 -25.92 -20.83
CA LYS B 109 -6.38 -25.20 -20.39
C LYS B 109 -6.14 -24.53 -19.05
N GLN B 110 -5.59 -25.27 -18.08
CA GLN B 110 -5.22 -24.69 -16.79
C GLN B 110 -4.37 -23.44 -16.96
N LEU B 111 -3.35 -23.54 -17.81
CA LEU B 111 -2.41 -22.44 -17.96
C LEU B 111 -3.09 -21.18 -18.50
N LEU B 112 -3.98 -21.36 -19.49
CA LEU B 112 -4.66 -20.20 -20.05
C LEU B 112 -5.56 -19.51 -19.02
N VAL B 113 -6.32 -20.28 -18.23
CA VAL B 113 -7.23 -19.62 -17.29
C VAL B 113 -6.47 -18.94 -16.16
N TYR B 114 -5.31 -19.50 -15.77
CA TYR B 114 -4.46 -18.80 -14.81
C TYR B 114 -3.96 -17.48 -15.39
N GLU B 115 -3.58 -17.47 -16.68
CA GLU B 115 -3.07 -16.25 -17.29
CA GLU B 115 -3.07 -16.24 -17.27
C GLU B 115 -4.17 -15.20 -17.43
N ARG B 116 -5.36 -15.61 -17.87
CA ARG B 116 -6.46 -14.64 -17.93
C ARG B 116 -6.76 -14.09 -16.55
N PHE B 117 -6.68 -14.94 -15.52
CA PHE B 117 -6.94 -14.46 -14.16
C PHE B 117 -5.98 -13.35 -13.75
N VAL B 118 -4.67 -13.61 -13.80
CA VAL B 118 -3.75 -12.62 -13.24
C VAL B 118 -3.70 -11.37 -14.12
N SER B 119 -3.77 -11.53 -15.45
CA SER B 119 -3.83 -10.31 -16.27
C SER B 119 -5.14 -9.55 -16.06
N THR B 120 -6.24 -10.25 -15.78
CA THR B 120 -7.49 -9.54 -15.52
C THR B 120 -7.48 -8.89 -14.14
N GLU B 121 -7.02 -9.63 -13.13
CA GLU B 121 -6.87 -9.03 -11.79
C GLU B 121 -5.92 -7.86 -11.82
N ASN B 122 -4.83 -7.98 -12.59
CA ASN B 122 -3.89 -6.86 -12.74
C ASN B 122 -4.56 -5.63 -13.37
N LEU B 123 -5.43 -5.83 -14.38
CA LEU B 123 -6.14 -4.69 -14.96
C LEU B 123 -7.03 -3.98 -13.93
N PHE B 124 -7.72 -4.75 -13.07
CA PHE B 124 -8.46 -4.13 -11.96
C PHE B 124 -7.56 -3.27 -11.07
N LYS B 125 -6.39 -3.79 -10.69
CA LYS B 125 -5.45 -2.98 -9.93
C LYS B 125 -5.05 -1.73 -10.71
N PHE B 126 -4.87 -1.86 -12.04
CA PHE B 126 -4.49 -0.72 -12.86
C PHE B 126 -5.65 0.24 -13.12
N ALA B 127 -6.89 -0.25 -13.22
CA ALA B 127 -8.03 0.58 -13.60
C ALA B 127 -8.69 1.31 -12.44
N MET B 128 -8.85 0.66 -11.28
CA MET B 128 -9.56 1.23 -10.14
C MET B 128 -9.20 2.69 -9.83
N PRO B 129 -7.93 3.10 -9.82
CA PRO B 129 -7.65 4.53 -9.53
C PRO B 129 -8.36 5.51 -10.46
N SER B 130 -8.60 5.13 -11.72
CA SER B 130 -9.38 6.01 -12.58
C SER B 130 -10.82 6.16 -12.12
N PHE B 131 -11.30 5.32 -11.21
CA PHE B 131 -12.67 5.45 -10.74
C PHE B 131 -12.75 6.25 -9.45
N ARG B 132 -11.61 6.68 -8.92
CA ARG B 132 -11.57 7.72 -7.89
C ARG B 132 -10.59 8.82 -8.29
N SER B 133 -10.60 9.18 -9.59
CA SER B 133 -9.81 10.31 -10.07
C SER B 133 -10.06 11.54 -9.19
N VAL B 134 -8.97 12.13 -8.71
CA VAL B 134 -9.06 13.10 -7.62
C VAL B 134 -9.78 14.35 -8.08
N GLY B 135 -10.66 14.87 -7.22
CA GLY B 135 -11.57 15.93 -7.55
C GLY B 135 -12.89 15.46 -8.11
N PHE B 136 -13.02 14.16 -8.37
CA PHE B 136 -14.21 13.58 -8.97
C PHE B 136 -14.65 12.31 -8.26
N GLU B 137 -14.17 12.08 -7.03
CA GLU B 137 -14.49 10.84 -6.34
C GLU B 137 -15.99 10.71 -6.10
N GLY B 138 -16.66 11.83 -5.86
CA GLY B 138 -18.09 11.85 -5.64
C GLY B 138 -18.92 11.34 -6.80
N PRO B 139 -18.87 12.03 -7.95
CA PRO B 139 -19.65 11.57 -9.11
C PRO B 139 -19.14 10.26 -9.71
N LEU B 140 -17.96 9.78 -9.33
CA LEU B 140 -17.48 8.50 -9.81
C LEU B 140 -17.83 7.35 -8.88
N LEU B 141 -18.49 7.64 -7.74
CA LEU B 141 -18.59 6.69 -6.64
C LEU B 141 -19.33 5.41 -7.03
N THR B 142 -20.36 5.53 -7.86
CA THR B 142 -21.09 4.32 -8.22
C THR B 142 -20.29 3.47 -9.20
N VAL B 143 -19.62 4.11 -10.15
CA VAL B 143 -18.63 3.41 -10.97
C VAL B 143 -17.63 2.67 -10.09
N TYR B 144 -17.12 3.36 -9.07
CA TYR B 144 -16.09 2.78 -8.24
C TYR B 144 -16.64 1.58 -7.47
N ALA B 145 -17.83 1.74 -6.88
CA ALA B 145 -18.41 0.70 -6.06
C ALA B 145 -18.66 -0.56 -6.87
N GLN B 146 -19.21 -0.41 -8.08
CA GLN B 146 -19.53 -1.57 -8.90
C GLN B 146 -18.28 -2.22 -9.47
N ALA B 147 -17.26 -1.42 -9.81
CA ALA B 147 -15.98 -2.01 -10.22
C ALA B 147 -15.33 -2.69 -9.03
N ALA B 148 -15.35 -2.03 -7.86
CA ALA B 148 -14.77 -2.64 -6.66
C ALA B 148 -15.39 -4.01 -6.39
N ASN B 149 -16.73 -4.07 -6.45
CA ASN B 149 -17.44 -5.30 -6.21
C ASN B 149 -17.01 -6.41 -7.16
N LEU B 150 -16.86 -6.09 -8.45
CA LEU B 150 -16.35 -7.08 -9.40
C LEU B 150 -14.93 -7.52 -9.06
N HIS B 151 -14.07 -6.58 -8.66
CA HIS B 151 -12.69 -6.94 -8.32
C HIS B 151 -12.68 -7.95 -7.18
N LEU B 152 -13.42 -7.65 -6.11
CA LEU B 152 -13.48 -8.53 -4.95
C LEU B 152 -14.03 -9.90 -5.32
N PHE B 153 -15.05 -9.95 -6.19
CA PHE B 153 -15.59 -11.25 -6.55
C PHE B 153 -14.63 -12.03 -7.43
N LEU B 154 -13.95 -11.34 -8.35
CA LEU B 154 -12.92 -12.01 -9.13
C LEU B 154 -11.81 -12.57 -8.21
N LEU B 155 -11.46 -11.84 -7.16
CA LEU B 155 -10.39 -12.34 -6.30
C LEU B 155 -10.80 -13.60 -5.58
N LYS B 156 -12.11 -13.78 -5.33
CA LYS B 156 -12.61 -15.03 -4.76
C LYS B 156 -12.29 -16.23 -5.62
N ASN B 157 -12.26 -16.03 -6.94
CA ASN B 157 -11.95 -17.13 -7.86
C ASN B 157 -10.58 -17.76 -7.55
N ALA B 158 -9.59 -16.96 -7.16
CA ALA B 158 -8.32 -17.54 -6.76
C ALA B 158 -8.50 -18.54 -5.62
N GLU B 159 -9.42 -18.25 -4.70
CA GLU B 159 -9.57 -19.17 -3.57
C GLU B 159 -10.34 -20.41 -4.00
N LEU B 160 -11.35 -20.24 -4.86
CA LEU B 160 -12.15 -21.35 -5.33
C LEU B 160 -11.36 -22.29 -6.23
N PHE B 161 -10.63 -21.73 -7.19
CA PHE B 161 -10.03 -22.52 -8.27
C PHE B 161 -8.50 -22.55 -8.31
N GLY B 162 -7.82 -21.67 -7.57
CA GLY B 162 -6.39 -21.46 -7.81
C GLY B 162 -5.54 -22.72 -7.67
N ALA B 163 -5.76 -23.50 -6.61
CA ALA B 163 -5.07 -24.77 -6.49
C ALA B 163 -5.28 -25.62 -7.73
N GLU B 164 -6.53 -25.72 -8.17
CA GLU B 164 -6.88 -26.53 -9.34
C GLU B 164 -6.28 -26.01 -10.64
N TRP B 165 -5.69 -24.82 -10.65
CA TRP B 165 -5.00 -24.31 -11.82
C TRP B 165 -3.50 -24.58 -11.77
N GLY B 166 -2.99 -25.09 -10.65
CA GLY B 166 -1.57 -25.18 -10.43
C GLY B 166 -0.99 -24.06 -9.58
N MET B 167 -1.83 -23.23 -8.94
CA MET B 167 -1.31 -22.22 -8.04
C MET B 167 -0.84 -22.87 -6.75
N GLN B 168 0.30 -22.42 -6.25
CA GLN B 168 0.78 -22.93 -4.97
C GLN B 168 0.18 -22.11 -3.84
N GLN B 169 0.29 -22.66 -2.62
CA GLN B 169 -0.41 -22.09 -1.48
C GLN B 169 0.00 -20.64 -1.24
N TYR B 170 1.29 -20.32 -1.43
CA TYR B 170 1.71 -18.95 -1.18
C TYR B 170 0.99 -17.98 -2.11
N GLU B 171 0.75 -18.40 -3.35
CA GLU B 171 0.13 -17.48 -4.29
C GLU B 171 -1.36 -17.35 -3.99
N ILE B 172 -1.98 -18.45 -3.56
CA ILE B 172 -3.36 -18.42 -3.10
C ILE B 172 -3.49 -17.53 -1.88
N ASP B 173 -2.56 -17.68 -0.91
CA ASP B 173 -2.57 -16.83 0.27
C ASP B 173 -2.40 -15.36 -0.09
N LEU B 174 -1.53 -15.06 -1.05
CA LEU B 174 -1.29 -13.68 -1.43
C LEU B 174 -2.56 -13.03 -1.98
N PHE B 175 -3.26 -13.73 -2.86
CA PHE B 175 -4.50 -13.17 -3.40
C PHE B 175 -5.53 -13.02 -2.30
N TYR B 176 -5.56 -13.96 -1.35
CA TYR B 176 -6.52 -13.90 -0.26
C TYR B 176 -6.26 -12.68 0.61
N ASN B 177 -4.99 -12.42 0.93
CA ASN B 177 -4.64 -11.28 1.76
C ASN B 177 -4.87 -9.98 1.01
N GLU B 178 -4.59 -9.97 -0.29
CA GLU B 178 -4.94 -8.84 -1.13
C GLU B 178 -6.44 -8.55 -1.05
N GLN B 179 -7.26 -9.58 -1.22
CA GLN B 179 -8.71 -9.38 -1.14
C GLN B 179 -9.08 -8.77 0.20
N LYS B 180 -8.50 -9.31 1.27
CA LYS B 180 -8.82 -8.83 2.61
C LYS B 180 -8.48 -7.34 2.77
N GLY B 181 -7.32 -6.91 2.25
CA GLY B 181 -7.00 -5.49 2.24
C GLY B 181 -7.92 -4.66 1.34
N TYR B 182 -8.32 -5.19 0.19
CA TYR B 182 -9.19 -4.41 -0.68
C TYR B 182 -10.59 -4.25 -0.11
N VAL B 183 -11.06 -5.23 0.65
CA VAL B 183 -12.37 -5.12 1.30
C VAL B 183 -12.41 -3.88 2.17
N GLU B 184 -11.40 -3.73 3.03
CA GLU B 184 -11.34 -2.59 3.93
C GLU B 184 -11.21 -1.29 3.16
N GLU B 185 -10.32 -1.28 2.16
CA GLU B 185 -10.05 -0.07 1.39
C GLU B 185 -11.27 0.36 0.59
N TYR B 186 -11.88 -0.59 -0.13
CA TYR B 186 -13.04 -0.28 -0.95
C TYR B 186 -14.22 0.11 -0.08
N THR B 187 -14.37 -0.53 1.09
CA THR B 187 -15.51 -0.24 1.97
C THR B 187 -15.37 1.14 2.59
N ASP B 188 -14.16 1.45 3.11
CA ASP B 188 -13.90 2.77 3.68
C ASP B 188 -14.14 3.87 2.66
N HIS B 189 -13.72 3.67 1.41
CA HIS B 189 -13.86 4.70 0.41
C HIS B 189 -15.34 4.94 0.10
N CYS B 190 -16.09 3.87 -0.13
CA CYS B 190 -17.52 4.01 -0.40
C CYS B 190 -18.25 4.70 0.76
N VAL B 191 -17.97 4.29 2.00
CA VAL B 191 -18.65 4.92 3.13
C VAL B 191 -18.18 6.37 3.30
N LYS B 192 -16.91 6.66 2.98
CA LYS B 192 -16.39 8.01 3.12
C LYS B 192 -17.14 8.99 2.23
N TRP B 193 -17.19 8.70 0.92
CA TRP B 193 -17.81 9.63 0.00
C TRP B 193 -19.33 9.60 0.05
N TYR B 194 -19.96 8.49 0.45
CA TYR B 194 -21.39 8.53 0.66
C TYR B 194 -21.74 9.51 1.77
N LYS B 195 -20.95 9.53 2.85
CA LYS B 195 -21.18 10.53 3.88
C LYS B 195 -20.72 11.91 3.43
N GLU B 196 -19.67 11.97 2.61
CA GLU B 196 -19.24 13.23 2.03
C GLU B 196 -20.36 13.87 1.21
N GLY B 197 -20.91 13.13 0.26
CA GLY B 197 -21.99 13.66 -0.57
C GLY B 197 -23.25 13.93 0.22
N LEU B 198 -23.51 13.10 1.24
CA LEU B 198 -24.67 13.35 2.09
C LEU B 198 -24.52 14.67 2.82
N ASN B 199 -23.30 14.97 3.26
CA ASN B 199 -23.06 16.20 4.02
C ASN B 199 -23.18 17.44 3.14
N LYS B 200 -22.61 17.37 1.93
CA LYS B 200 -22.73 18.49 0.99
C LYS B 200 -24.20 18.84 0.73
N LEU B 201 -25.04 17.84 0.50
CA LEU B 201 -26.43 18.12 0.20
C LEU B 201 -27.19 18.64 1.41
N LYS B 202 -26.71 18.33 2.62
CA LYS B 202 -27.33 18.88 3.82
C LYS B 202 -27.02 20.37 3.95
N ASN B 203 -25.90 20.82 3.37
CA ASN B 203 -25.47 22.21 3.44
C ASN B 203 -25.71 22.97 2.13
N ALA B 204 -26.52 22.45 1.23
CA ALA B 204 -26.83 23.19 0.01
C ALA B 204 -27.82 24.32 0.30
N SER B 205 -27.68 25.40 -0.46
CA SER B 205 -28.66 26.49 -0.41
C SER B 205 -29.97 26.04 -1.04
N GLY B 206 -31.05 26.74 -0.67
CA GLY B 206 -32.35 26.53 -1.26
C GLY B 206 -33.41 26.30 -0.21
N VAL B 207 -34.66 26.30 -0.68
CA VAL B 207 -35.79 26.00 0.20
C VAL B 207 -35.53 24.68 0.90
N LYS B 208 -35.65 24.68 2.23
CA LYS B 208 -35.23 23.52 3.01
C LYS B 208 -35.94 22.24 2.58
N GLY B 209 -37.24 22.33 2.29
CA GLY B 209 -37.97 21.14 1.87
C GLY B 209 -37.43 20.55 0.58
N LYS B 210 -36.91 21.39 -0.31
CA LYS B 210 -36.30 20.86 -1.53
C LYS B 210 -34.91 20.32 -1.24
N VAL B 211 -34.13 21.03 -0.42
CA VAL B 211 -32.83 20.53 -0.01
C VAL B 211 -32.97 19.14 0.62
N TRP B 212 -33.86 19.02 1.60
CA TRP B 212 -34.08 17.73 2.22
C TRP B 212 -34.49 16.68 1.19
N GLU B 213 -35.36 17.03 0.23
CA GLU B 213 -35.76 16.03 -0.75
C GLU B 213 -34.58 15.51 -1.54
N ASN B 214 -33.63 16.40 -1.89
CA ASN B 214 -32.50 15.99 -2.72
C ASN B 214 -31.50 15.18 -1.90
N TYR B 215 -31.23 15.63 -0.66
CA TYR B 215 -30.55 14.83 0.35
C TYR B 215 -31.14 13.44 0.45
N ASN B 216 -32.46 13.35 0.57
CA ASN B 216 -33.07 12.04 0.75
C ASN B 216 -33.09 11.23 -0.55
N ARG B 217 -33.08 11.89 -1.72
CA ARG B 217 -32.96 11.15 -2.96
C ARG B 217 -31.56 10.55 -3.10
N PHE B 218 -30.52 11.31 -2.77
CA PHE B 218 -29.16 10.76 -2.77
C PHE B 218 -29.10 9.52 -1.89
N ARG B 219 -29.63 9.62 -0.67
CA ARG B 219 -29.63 8.49 0.24
C ARG B 219 -30.36 7.29 -0.36
N ARG B 220 -31.54 7.50 -0.95
CA ARG B 220 -32.28 6.37 -1.49
C ARG B 220 -31.51 5.69 -2.61
N GLU B 221 -31.15 6.48 -3.64
CA GLU B 221 -30.49 5.90 -4.81
C GLU B 221 -29.07 5.41 -4.52
N MET B 222 -28.32 6.06 -3.62
CA MET B 222 -26.97 5.56 -3.36
C MET B 222 -26.96 4.39 -2.39
N THR B 223 -28.00 4.27 -1.56
CA THR B 223 -28.19 3.01 -0.83
C THR B 223 -28.33 1.85 -1.82
N ILE B 224 -29.04 2.07 -2.92
CA ILE B 224 -29.33 1.02 -3.89
C ILE B 224 -28.13 0.76 -4.80
N MET B 225 -27.42 1.81 -5.19
CA MET B 225 -26.31 1.70 -6.12
C MET B 225 -24.99 1.36 -5.43
N VAL B 226 -24.83 1.71 -4.14
CA VAL B 226 -23.52 1.57 -3.49
C VAL B 226 -23.60 0.82 -2.16
N LEU B 227 -24.43 1.29 -1.23
CA LEU B 227 -24.38 0.74 0.12
C LEU B 227 -24.79 -0.73 0.17
N ASP B 228 -25.77 -1.11 -0.67
CA ASP B 228 -26.20 -2.49 -0.68
C ASP B 228 -25.11 -3.44 -1.22
N LEU B 229 -24.11 -2.92 -1.94
CA LEU B 229 -22.97 -3.76 -2.32
C LEU B 229 -22.14 -4.17 -1.11
N LEU B 230 -22.02 -3.26 -0.13
CA LEU B 230 -20.98 -3.41 0.89
C LEU B 230 -21.10 -4.70 1.68
N PRO B 231 -22.29 -5.11 2.17
CA PRO B 231 -22.36 -6.35 2.94
C PRO B 231 -22.03 -7.59 2.13
N LEU B 232 -22.05 -7.50 0.80
CA LEU B 232 -21.53 -8.59 -0.01
C LEU B 232 -20.02 -8.76 0.15
N PHE B 233 -19.29 -7.69 0.40
CA PHE B 233 -17.83 -7.78 0.35
C PHE B 233 -17.27 -8.83 1.30
N PRO B 234 -17.70 -8.91 2.56
CA PRO B 234 -17.20 -10.00 3.44
C PRO B 234 -17.57 -11.39 2.95
N ILE B 235 -18.74 -11.55 2.32
CA ILE B 235 -19.20 -12.86 1.85
C ILE B 235 -18.26 -13.40 0.77
N TYR B 236 -17.59 -12.54 0.01
CA TYR B 236 -16.62 -13.00 -0.99
C TYR B 236 -15.41 -13.68 -0.36
N ASP B 237 -15.29 -13.66 0.94
CA ASP B 237 -14.19 -14.33 1.64
C ASP B 237 -14.55 -15.80 1.73
N ALA B 238 -13.92 -16.62 0.89
CA ALA B 238 -14.30 -18.01 0.80
C ALA B 238 -13.84 -18.84 1.98
N ARG B 239 -12.89 -18.35 2.78
CA ARG B 239 -12.51 -19.14 3.96
C ARG B 239 -13.49 -18.94 5.10
N THR B 240 -13.95 -17.71 5.28
CA THR B 240 -14.93 -17.40 6.30
C THR B 240 -16.33 -17.84 5.89
N TYR B 241 -16.60 -17.97 4.60
CA TYR B 241 -17.89 -18.42 4.09
C TYR B 241 -17.65 -19.51 3.04
N PRO B 242 -17.29 -20.73 3.48
CA PRO B 242 -16.96 -21.79 2.52
C PRO B 242 -18.21 -22.54 2.08
N MET B 243 -19.35 -21.88 2.23
CA MET B 243 -20.65 -22.50 2.13
C MET B 243 -21.59 -21.44 1.59
N GLU B 244 -22.68 -21.87 0.97
CA GLU B 244 -23.69 -20.91 0.52
C GLU B 244 -24.25 -20.17 1.72
N THR B 245 -24.44 -18.87 1.59
CA THR B 245 -24.80 -18.00 2.70
C THR B 245 -25.99 -17.14 2.30
N VAL B 246 -27.03 -17.12 3.13
CA VAL B 246 -28.22 -16.32 2.84
C VAL B 246 -28.14 -15.05 3.67
N THR B 247 -28.34 -13.89 3.03
CA THR B 247 -28.16 -12.60 3.69
C THR B 247 -29.40 -11.73 3.53
N GLU B 248 -29.46 -10.65 4.33
CA GLU B 248 -30.61 -9.76 4.33
C GLU B 248 -30.14 -8.32 4.45
N LEU B 249 -30.73 -7.44 3.65
CA LEU B 249 -30.54 -6.00 3.74
C LEU B 249 -31.73 -5.42 4.51
N THR B 250 -31.49 -4.95 5.73
CA THR B 250 -32.57 -4.54 6.60
C THR B 250 -32.83 -3.04 6.58
N ARG B 251 -32.00 -2.26 5.89
CA ARG B 251 -32.15 -0.81 5.94
C ARG B 251 -33.50 -0.40 5.38
N GLN B 252 -33.98 0.76 5.82
CA GLN B 252 -35.26 1.32 5.37
C GLN B 252 -35.00 2.58 4.60
N ILE B 253 -35.59 2.71 3.40
CA ILE B 253 -35.41 3.89 2.56
C ILE B 253 -36.77 4.48 2.21
N PHE B 254 -36.77 5.79 1.91
CA PHE B 254 -37.99 6.54 1.64
C PHE B 254 -38.00 7.12 0.24
N THR B 255 -39.15 7.01 -0.42
CA THR B 255 -39.36 7.68 -1.69
C THR B 255 -39.64 9.17 -1.47
N ASP B 256 -39.63 9.93 -2.55
CA ASP B 256 -39.88 11.36 -2.45
C ASP B 256 -41.22 11.63 -1.76
N PRO B 257 -41.31 12.67 -0.93
CA PRO B 257 -42.59 12.98 -0.27
C PRO B 257 -43.73 13.16 -1.26
N ILE B 258 -44.92 12.69 -0.88
CA ILE B 258 -46.10 12.79 -1.74
C ILE B 258 -46.65 14.20 -1.59
N GLY B 259 -46.26 15.09 -2.51
CA GLY B 259 -46.66 16.47 -2.41
C GLY B 259 -46.63 17.11 -3.78
N LEU B 260 -47.41 18.17 -3.92
CA LEU B 260 -47.56 18.81 -5.22
C LEU B 260 -46.27 19.55 -5.61
N THR B 261 -45.77 19.27 -6.80
CA THR B 261 -44.67 20.02 -7.40
C THR B 261 -44.89 20.12 -8.90
N GLY B 262 -44.21 21.07 -9.53
CA GLY B 262 -44.15 21.14 -10.98
C GLY B 262 -45.25 21.90 -11.70
N ILE B 263 -46.19 22.54 -11.00
CA ILE B 263 -47.24 23.31 -11.67
C ILE B 263 -46.80 24.75 -11.95
N ASN B 264 -46.38 25.45 -10.89
CA ASN B 264 -45.53 26.65 -10.86
C ASN B 264 -46.32 27.95 -10.86
N GLU B 265 -47.64 27.92 -11.03
CA GLU B 265 -48.47 29.10 -10.89
C GLU B 265 -48.85 29.31 -9.42
N THR B 266 -49.42 30.49 -9.15
CA THR B 266 -49.44 31.01 -7.79
C THR B 266 -50.31 30.17 -6.85
N LYS B 267 -51.51 29.79 -7.30
CA LYS B 267 -52.40 29.07 -6.40
C LYS B 267 -51.94 27.64 -6.16
N TYR B 268 -51.11 27.08 -7.04
CA TYR B 268 -50.68 25.69 -6.97
C TYR B 268 -49.16 25.62 -6.82
N PRO B 269 -48.63 26.07 -5.67
CA PRO B 269 -47.18 26.13 -5.51
C PRO B 269 -46.59 24.78 -5.10
N ASP B 270 -45.29 24.63 -5.36
CA ASP B 270 -44.56 23.49 -4.81
C ASP B 270 -44.72 23.45 -3.30
N TRP B 271 -44.90 22.24 -2.75
CA TRP B 271 -45.03 22.10 -1.30
C TRP B 271 -43.77 22.56 -0.55
N TYR B 272 -42.63 22.69 -1.22
CA TYR B 272 -41.35 22.87 -0.52
C TYR B 272 -41.40 24.00 0.51
N GLY B 273 -41.96 25.15 0.11
CA GLY B 273 -41.99 26.30 0.99
C GLY B 273 -42.87 26.12 2.22
N ALA B 274 -43.88 25.25 2.12
CA ALA B 274 -44.74 24.95 3.27
C ALA B 274 -44.05 24.05 4.30
N ALA B 275 -42.91 23.46 3.95
CA ALA B 275 -42.15 22.64 4.86
C ALA B 275 -41.36 23.51 5.83
N SER B 276 -40.91 22.89 6.92
CA SER B 276 -40.12 23.59 7.92
C SER B 276 -38.92 24.29 7.28
N SER B 277 -38.35 25.25 7.99
CA SER B 277 -37.08 25.83 7.58
C SER B 277 -35.90 25.13 8.23
N GLU B 278 -36.14 24.15 9.11
CA GLU B 278 -35.07 23.50 9.88
C GLU B 278 -34.88 22.06 9.42
N PHE B 279 -33.77 21.82 8.69
CA PHE B 279 -33.44 20.50 8.18
C PHE B 279 -33.59 19.41 9.23
N VAL B 280 -33.07 19.66 10.43
CA VAL B 280 -33.13 18.66 11.49
C VAL B 280 -34.57 18.24 11.77
N LEU B 281 -35.53 19.15 11.64
CA LEU B 281 -36.91 18.83 12.00
C LEU B 281 -37.63 18.04 10.91
N ILE B 282 -37.32 18.27 9.64
CA ILE B 282 -37.82 17.40 8.59
C ILE B 282 -37.31 15.97 8.79
N GLU B 283 -35.97 15.82 8.83
CA GLU B 283 -35.36 14.50 8.97
C GLU B 283 -35.91 13.76 10.18
N ASN B 284 -35.95 14.44 11.33
CA ASN B 284 -36.45 13.80 12.54
C ASN B 284 -37.90 13.36 12.40
N ARG B 285 -38.69 14.06 11.58
CA ARG B 285 -40.08 13.69 11.42
C ARG B 285 -40.30 12.68 10.30
N ALA B 286 -39.49 12.75 9.24
CA ALA B 286 -39.64 11.85 8.10
C ALA B 286 -38.89 10.52 8.26
N ILE B 287 -37.81 10.48 9.05
CA ILE B 287 -36.96 9.30 9.16
C ILE B 287 -37.02 8.82 10.61
N PRO B 288 -37.77 7.75 10.89
CA PRO B 288 -37.78 7.20 12.25
C PRO B 288 -36.39 6.76 12.66
N LYS B 289 -36.16 6.77 13.98
CA LYS B 289 -34.86 6.36 14.50
C LYS B 289 -34.60 4.89 14.17
N PRO B 290 -33.34 4.50 14.06
CA PRO B 290 -33.03 3.07 13.85
C PRO B 290 -33.68 2.20 14.93
N GLY B 291 -34.18 1.04 14.53
CA GLY B 291 -34.74 0.12 15.49
C GLY B 291 -34.82 -1.28 14.91
N LEU B 292 -35.38 -2.18 15.70
CA LEU B 292 -35.60 -3.54 15.23
C LEU B 292 -36.45 -3.53 13.96
N PHE B 293 -36.22 -4.52 13.10
CA PHE B 293 -36.98 -4.59 11.87
C PHE B 293 -38.47 -4.74 12.18
N GLN B 294 -39.31 -3.98 11.45
CA GLN B 294 -40.75 -3.93 11.68
C GLN B 294 -41.50 -4.19 10.39
N TRP B 295 -42.59 -4.93 10.48
CA TRP B 295 -43.40 -5.25 9.33
C TRP B 295 -44.67 -4.42 9.36
N LEU B 296 -44.89 -3.68 8.27
CA LEU B 296 -46.07 -2.84 8.15
C LEU B 296 -47.32 -3.69 8.15
N THR B 297 -48.18 -3.50 9.14
CA THR B 297 -49.36 -4.33 9.26
C THR B 297 -50.65 -3.59 8.96
N LYS B 298 -50.75 -2.32 9.35
CA LYS B 298 -51.96 -1.55 9.11
C LYS B 298 -51.59 -0.10 8.82
N ILE B 299 -52.40 0.52 7.96
CA ILE B 299 -52.33 1.95 7.65
C ILE B 299 -53.74 2.52 7.81
N ASN B 300 -53.88 3.58 8.59
CA ASN B 300 -55.15 4.25 8.72
C ASN B 300 -54.97 5.71 8.34
N VAL B 301 -55.84 6.19 7.45
CA VAL B 301 -55.83 7.57 6.99
C VAL B 301 -57.19 8.17 7.29
N ARG B 302 -57.19 9.35 7.86
CA ARG B 302 -58.42 10.07 8.10
C ARG B 302 -58.30 11.44 7.43
N ALA B 303 -59.38 11.90 6.81
CA ALA B 303 -59.35 13.15 6.06
C ALA B 303 -60.68 13.90 6.21
N ARG B 304 -60.61 15.20 5.92
CA ARG B 304 -61.77 16.06 5.80
C ARG B 304 -61.73 16.79 4.47
N VAL B 305 -62.90 17.17 3.99
CA VAL B 305 -63.03 17.97 2.78
C VAL B 305 -63.02 19.44 3.14
N VAL B 306 -62.29 20.23 2.37
CA VAL B 306 -62.34 21.67 2.43
C VAL B 306 -62.80 22.18 1.08
N GLU B 307 -63.14 23.47 1.04
CA GLU B 307 -63.59 24.09 -0.20
C GLU B 307 -63.28 25.57 -0.18
N PRO B 308 -62.00 25.97 -0.19
CA PRO B 308 -61.69 27.39 -0.39
C PRO B 308 -62.25 27.93 -1.69
N ASN B 309 -62.13 27.15 -2.75
CA ASN B 309 -62.69 27.45 -4.06
C ASN B 309 -62.89 26.12 -4.78
N ASP B 310 -61.78 25.48 -5.16
CA ASP B 310 -61.79 24.05 -5.42
C ASP B 310 -62.19 23.30 -4.15
N ARG B 311 -62.69 22.09 -4.34
CA ARG B 311 -63.14 21.23 -3.24
C ARG B 311 -62.31 19.96 -3.25
N PHE B 312 -61.66 19.66 -2.12
CA PHE B 312 -60.77 18.50 -2.10
C PHE B 312 -60.54 18.10 -0.66
N ALA B 313 -60.25 16.82 -0.45
CA ALA B 313 -59.94 16.33 0.88
C ALA B 313 -58.49 16.58 1.25
N ILE B 314 -58.25 16.77 2.55
CA ILE B 314 -56.89 16.83 3.08
C ILE B 314 -56.82 15.90 4.29
N TRP B 315 -55.60 15.40 4.55
CA TRP B 315 -55.41 14.41 5.61
C TRP B 315 -55.44 15.06 6.99
N THR B 316 -56.31 14.54 7.85
CA THR B 316 -56.34 14.92 9.27
C THR B 316 -55.06 14.49 9.96
N GLY B 317 -54.64 13.28 9.61
CA GLY B 317 -53.66 12.53 10.36
C GLY B 317 -53.70 11.10 9.86
N HIS B 318 -52.68 10.36 10.26
CA HIS B 318 -52.62 8.96 9.88
C HIS B 318 -51.90 8.18 10.95
N SER B 319 -52.24 6.91 11.05
CA SER B 319 -51.60 6.02 12.00
C SER B 319 -50.96 4.86 11.25
N VAL B 320 -49.87 4.36 11.81
CA VAL B 320 -49.12 3.25 11.25
C VAL B 320 -48.96 2.20 12.33
N VAL B 321 -49.30 0.95 12.01
CA VAL B 321 -49.13 -0.16 12.93
C VAL B 321 -48.10 -1.10 12.31
N THR B 322 -47.14 -1.54 13.12
CA THR B 322 -46.12 -2.49 12.70
C THR B 322 -46.02 -3.62 13.71
N GLN B 323 -45.29 -4.66 13.31
CA GLN B 323 -44.94 -5.78 14.18
C GLN B 323 -43.48 -6.13 13.95
N TYR B 324 -42.81 -6.58 15.01
CA TYR B 324 -41.47 -7.12 14.89
C TYR B 324 -41.55 -8.55 14.36
N THR B 325 -40.39 -9.12 14.03
CA THR B 325 -40.36 -10.41 13.37
C THR B 325 -40.83 -11.50 14.32
N LYS B 326 -41.85 -12.24 13.89
CA LYS B 326 -42.44 -13.32 14.70
C LYS B 326 -42.80 -12.85 16.10
N SER B 327 -43.30 -11.62 16.18
CA SER B 327 -43.88 -11.07 17.40
C SER B 327 -45.26 -10.53 17.05
N THR B 328 -46.27 -10.91 17.84
CA THR B 328 -47.64 -10.45 17.60
C THR B 328 -47.85 -9.02 18.07
N THR B 329 -47.10 -8.57 19.08
CA THR B 329 -47.28 -7.24 19.63
C THR B 329 -47.22 -6.19 18.53
N GLU B 330 -48.10 -5.20 18.64
CA GLU B 330 -48.25 -4.17 17.63
C GLU B 330 -47.62 -2.88 18.14
N ASN B 331 -46.75 -2.28 17.33
CA ASN B 331 -46.25 -0.94 17.59
C ASN B 331 -47.09 0.04 16.78
N THR B 332 -47.54 1.11 17.44
CA THR B 332 -48.44 2.07 16.82
C THR B 332 -47.83 3.45 16.85
N PHE B 333 -47.89 4.14 15.70
CA PHE B 333 -47.36 5.48 15.54
C PHE B 333 -48.47 6.39 15.00
N ASN B 334 -48.68 7.53 15.66
CA ASN B 334 -49.80 8.42 15.35
C ASN B 334 -49.23 9.75 14.87
N TYR B 335 -49.82 10.29 13.80
CA TYR B 335 -49.48 11.61 13.27
C TYR B 335 -50.74 12.46 13.22
N GLY B 336 -50.60 13.74 13.58
CA GLY B 336 -51.74 14.64 13.56
C GLY B 336 -52.89 14.18 14.44
N THR B 337 -54.07 14.72 14.16
CA THR B 337 -55.27 14.46 14.95
C THR B 337 -56.33 13.77 14.09
N SER B 338 -57.33 13.20 14.77
CA SER B 338 -58.46 12.57 14.10
C SER B 338 -59.69 13.47 14.08
N SER B 339 -59.54 14.73 14.48
CA SER B 339 -60.65 15.68 14.47
C SER B 339 -61.02 16.06 13.04
N GLY B 340 -62.24 16.56 12.88
CA GLY B 340 -62.73 16.97 11.58
C GLY B 340 -62.89 15.81 10.63
N SER B 341 -62.58 14.60 11.08
CA SER B 341 -62.50 13.44 10.20
C SER B 341 -63.90 13.08 9.72
N THR B 342 -64.21 13.43 8.48
CA THR B 342 -65.41 12.92 7.84
C THR B 342 -65.14 11.65 7.06
N LEU B 343 -63.90 11.48 6.58
CA LEU B 343 -63.52 10.31 5.82
C LEU B 343 -62.35 9.61 6.52
N SER B 344 -62.35 8.30 6.40
CA SER B 344 -61.27 7.49 6.93
C SER B 344 -61.14 6.25 6.07
N HIS B 345 -59.90 5.77 5.93
CA HIS B 345 -59.65 4.51 5.25
C HIS B 345 -58.61 3.73 6.04
N THR B 346 -58.74 2.41 5.98
CA THR B 346 -57.86 1.52 6.71
C THR B 346 -57.39 0.43 5.76
N PHE B 347 -56.09 0.48 5.42
CA PHE B 347 -55.47 -0.63 4.71
C PHE B 347 -55.07 -1.69 5.70
N ASP B 348 -55.42 -2.95 5.40
CA ASP B 348 -55.03 -4.10 6.22
C ASP B 348 -53.93 -4.82 5.45
N LEU B 349 -52.70 -4.70 5.95
CA LEU B 349 -51.54 -5.11 5.19
C LEU B 349 -50.80 -6.30 5.79
N LEU B 350 -51.26 -6.83 6.92
CA LEU B 350 -50.68 -8.06 7.45
C LEU B 350 -50.66 -9.12 6.35
N SER B 351 -49.52 -9.79 6.21
CA SER B 351 -49.33 -10.88 5.26
C SER B 351 -49.23 -10.43 3.80
N LYS B 352 -49.14 -9.12 3.54
CA LYS B 352 -49.01 -8.62 2.17
C LYS B 352 -47.71 -7.84 1.99
N ASP B 353 -47.03 -8.10 0.87
CA ASP B 353 -46.03 -7.18 0.32
C ASP B 353 -46.75 -6.16 -0.57
N ILE B 354 -46.69 -4.89 -0.19
CA ILE B 354 -47.11 -3.81 -1.08
C ILE B 354 -45.92 -3.46 -1.95
N TYR B 355 -45.88 -3.96 -3.17
CA TYR B 355 -44.76 -3.77 -4.07
C TYR B 355 -44.85 -2.48 -4.89
N GLN B 356 -45.96 -1.76 -4.83
CA GLN B 356 -46.15 -0.60 -5.70
C GLN B 356 -47.30 0.24 -5.18
N THR B 357 -47.14 1.55 -5.26
CA THR B 357 -48.18 2.49 -4.87
C THR B 357 -48.38 3.51 -5.98
N TYR B 358 -49.56 4.13 -5.95
CA TYR B 358 -49.95 5.20 -6.87
C TYR B 358 -50.70 6.26 -6.07
N SER B 359 -50.32 7.52 -6.25
CA SER B 359 -50.94 8.60 -5.50
C SER B 359 -51.17 9.81 -6.41
N ILE B 360 -52.21 10.58 -6.08
CA ILE B 360 -52.45 11.90 -6.65
C ILE B 360 -52.12 12.92 -5.57
N ALA B 361 -51.27 13.89 -5.91
CA ALA B 361 -50.97 14.99 -5.00
C ALA B 361 -51.57 16.28 -5.54
N ALA B 362 -52.12 17.08 -4.63
CA ALA B 362 -52.67 18.38 -5.00
C ALA B 362 -52.39 19.38 -3.88
N ALA B 363 -52.37 20.65 -4.25
CA ALA B 363 -52.20 21.75 -3.31
C ALA B 363 -53.16 22.86 -3.67
N ASN B 364 -53.25 23.85 -2.78
CA ASN B 364 -54.12 25.01 -2.96
C ASN B 364 -53.72 26.10 -1.98
N LYS B 365 -53.04 27.15 -2.47
CA LYS B 365 -52.70 28.29 -1.62
C LYS B 365 -53.65 29.45 -1.96
N SER B 366 -54.77 29.51 -1.21
CA SER B 366 -55.71 30.62 -1.29
C SER B 366 -55.55 31.43 -0.03
N ALA B 367 -56.53 31.41 0.89
CA ALA B 367 -56.32 31.97 2.22
C ALA B 367 -55.24 31.19 2.95
N THR B 368 -55.52 29.93 3.26
CA THR B 368 -54.60 29.01 3.90
C THR B 368 -53.93 28.14 2.84
N TRP B 369 -52.76 27.60 3.20
CA TRP B 369 -51.98 26.73 2.31
C TRP B 369 -52.37 25.27 2.57
N TYR B 370 -52.87 24.61 1.53
CA TYR B 370 -53.39 23.25 1.62
C TYR B 370 -52.49 22.27 0.89
N GLN B 371 -52.29 21.11 1.50
CA GLN B 371 -51.59 19.98 0.88
C GLN B 371 -52.53 18.79 0.90
N ALA B 372 -52.78 18.21 -0.28
CA ALA B 372 -53.85 17.23 -0.41
C ALA B 372 -53.34 15.94 -1.04
N VAL B 373 -53.70 14.81 -0.45
CA VAL B 373 -53.48 13.52 -1.09
C VAL B 373 -54.84 12.85 -1.10
N PRO B 374 -55.69 13.13 -2.09
CA PRO B 374 -57.06 12.62 -2.05
C PRO B 374 -57.19 11.21 -2.59
N LEU B 375 -56.23 10.76 -3.40
CA LEU B 375 -56.23 9.40 -3.92
C LEU B 375 -54.91 8.71 -3.60
N LEU B 376 -54.99 7.48 -3.09
CA LEU B 376 -53.81 6.66 -2.86
C LEU B 376 -54.17 5.21 -3.12
N ARG B 377 -53.42 4.56 -4.01
CA ARG B 377 -53.62 3.15 -4.31
C ARG B 377 -52.42 2.33 -3.84
N LEU B 378 -52.69 1.19 -3.22
CA LEU B 378 -51.67 0.23 -2.81
C LEU B 378 -51.86 -1.06 -3.61
N TYR B 379 -50.77 -1.58 -4.16
CA TYR B 379 -50.80 -2.85 -4.87
C TYR B 379 -50.01 -3.87 -4.07
N GLY B 380 -50.65 -4.99 -3.74
CA GLY B 380 -50.09 -5.95 -2.82
C GLY B 380 -50.10 -7.34 -3.41
N ILE B 381 -49.34 -8.23 -2.77
CA ILE B 381 -49.30 -9.66 -3.07
C ILE B 381 -49.05 -10.38 -1.74
N ASN B 382 -49.63 -11.57 -1.61
CA ASN B 382 -49.59 -12.29 -0.35
C ASN B 382 -48.85 -13.61 -0.53
N SER B 383 -48.64 -14.29 0.60
CA SER B 383 -47.89 -15.55 0.62
C SER B 383 -48.41 -16.53 -0.41
N SER B 384 -49.73 -16.56 -0.61
CA SER B 384 -50.40 -17.42 -1.58
C SER B 384 -50.29 -16.93 -3.02
N ASN B 385 -49.57 -15.83 -3.27
CA ASN B 385 -49.34 -15.29 -4.62
C ASN B 385 -50.59 -14.60 -5.18
N VAL B 386 -51.49 -14.17 -4.31
CA VAL B 386 -52.73 -13.52 -4.73
C VAL B 386 -52.51 -12.02 -4.75
N LEU B 387 -52.63 -11.43 -5.94
CA LEU B 387 -52.54 -9.99 -6.09
C LEU B 387 -53.78 -9.32 -5.53
N SER B 388 -53.59 -8.09 -5.07
CA SER B 388 -54.65 -7.34 -4.42
C SER B 388 -54.43 -5.87 -4.67
N GLU B 389 -55.51 -5.12 -4.76
CA GLU B 389 -55.44 -3.67 -4.82
C GLU B 389 -56.39 -3.11 -3.78
N ASP B 390 -55.93 -2.08 -3.08
CA ASP B 390 -56.79 -1.33 -2.19
C ASP B 390 -56.46 0.14 -2.37
N ALA B 391 -57.46 0.98 -2.14
CA ALA B 391 -57.32 2.37 -2.51
C ALA B 391 -58.42 3.16 -1.84
N PHE B 392 -58.20 4.46 -1.70
CA PHE B 392 -59.28 5.36 -1.41
C PHE B 392 -59.25 6.52 -2.40
N SER B 393 -60.44 6.97 -2.78
CA SER B 393 -60.60 8.14 -3.63
C SER B 393 -61.51 9.10 -2.86
N PHE B 394 -60.91 10.12 -2.26
CA PHE B 394 -61.66 11.17 -1.60
C PHE B 394 -61.92 12.30 -2.59
N SER B 395 -62.90 13.14 -2.26
CA SER B 395 -63.29 14.21 -3.18
C SER B 395 -62.07 15.03 -3.58
N ASN B 396 -62.01 15.34 -4.89
CA ASN B 396 -60.94 16.18 -5.44
C ASN B 396 -61.49 16.87 -6.68
N ASN B 397 -61.63 18.19 -6.60
CA ASN B 397 -62.21 19.02 -7.63
C ASN B 397 -61.18 19.64 -8.56
N ILE B 398 -59.92 19.67 -8.14
CA ILE B 398 -58.89 20.43 -8.86
C ILE B 398 -58.66 19.79 -10.22
N PRO B 399 -58.61 20.57 -11.31
CA PRO B 399 -58.34 19.99 -12.63
C PRO B 399 -57.07 19.16 -12.62
N SER B 400 -57.11 18.03 -13.34
CA SER B 400 -56.02 17.07 -13.31
C SER B 400 -54.71 17.68 -13.78
N SER B 401 -54.77 18.65 -14.69
CA SER B 401 -53.56 19.37 -15.13
C SER B 401 -52.94 20.21 -14.02
N LYS B 402 -53.60 20.33 -12.88
CA LYS B 402 -53.08 21.04 -11.72
C LYS B 402 -52.68 20.08 -10.62
N CYS B 403 -52.80 18.79 -10.86
CA CYS B 403 -52.44 17.75 -9.90
C CYS B 403 -51.24 16.96 -10.41
N LYS B 404 -50.53 16.34 -9.48
CA LYS B 404 -49.38 15.50 -9.79
C LYS B 404 -49.69 14.08 -9.38
N SER B 405 -49.73 13.17 -10.35
CA SER B 405 -49.77 11.74 -10.08
C SER B 405 -48.35 11.20 -9.94
N THR B 406 -48.19 10.18 -9.09
CA THR B 406 -46.88 9.56 -8.86
C THR B 406 -47.00 8.04 -8.84
N TYR B 407 -46.06 7.37 -9.50
CA TYR B 407 -45.89 5.94 -9.43
C TYR B 407 -44.61 5.64 -8.65
N SER B 408 -44.76 4.98 -7.49
CA SER B 408 -43.58 4.54 -6.75
C SER B 408 -42.64 3.76 -7.64
N SER B 409 -43.19 2.99 -8.58
CA SER B 409 -42.39 2.22 -9.52
C SER B 409 -41.48 3.09 -10.38
N ASP B 410 -41.66 4.41 -10.39
CA ASP B 410 -40.71 5.29 -11.06
C ASP B 410 -39.46 5.54 -10.22
N GLN B 411 -39.55 5.35 -8.90
CA GLN B 411 -38.39 5.39 -8.01
C GLN B 411 -37.91 3.99 -7.63
N LEU B 412 -38.83 3.07 -7.36
CA LEU B 412 -38.50 1.69 -6.98
C LEU B 412 -39.06 0.74 -8.04
N PRO B 413 -38.40 0.63 -9.20
CA PRO B 413 -38.96 -0.12 -10.32
C PRO B 413 -39.32 -1.55 -9.96
N ILE B 414 -40.22 -2.11 -10.75
CA ILE B 414 -40.69 -3.48 -10.61
C ILE B 414 -40.77 -4.09 -12.00
N GLU B 415 -40.94 -5.42 -12.04
CA GLU B 415 -41.09 -6.14 -13.30
C GLU B 415 -41.76 -7.48 -12.99
N LEU B 416 -43.09 -7.46 -12.95
CA LEU B 416 -43.87 -8.64 -12.63
C LEU B 416 -44.07 -9.53 -13.85
N LEU B 417 -44.13 -10.83 -13.59
CA LEU B 417 -44.44 -11.83 -14.60
C LEU B 417 -45.97 -11.93 -14.77
N ASP B 418 -46.39 -12.59 -15.85
CA ASP B 418 -47.83 -12.77 -16.09
C ASP B 418 -48.56 -13.28 -14.85
N GLU B 419 -47.88 -14.05 -14.00
CA GLU B 419 -48.33 -14.29 -12.61
C GLU B 419 -47.16 -14.19 -11.66
N PRO B 420 -47.23 -13.28 -10.69
CA PRO B 420 -46.09 -12.99 -9.83
C PRO B 420 -46.03 -13.89 -8.60
N ILE B 421 -44.82 -14.03 -8.06
CA ILE B 421 -44.59 -14.85 -6.88
C ILE B 421 -44.27 -13.96 -5.69
N TYR B 422 -44.91 -14.25 -4.56
CA TYR B 422 -44.63 -13.55 -3.32
C TYR B 422 -43.16 -13.68 -2.92
N GLY B 423 -42.52 -12.54 -2.65
CA GLY B 423 -41.14 -12.54 -2.20
C GLY B 423 -40.12 -12.85 -3.26
N ASP B 424 -40.40 -12.55 -4.52
CA ASP B 424 -39.46 -12.80 -5.61
C ASP B 424 -38.75 -11.49 -5.93
N LEU B 425 -37.48 -11.41 -5.50
CA LEU B 425 -36.63 -10.23 -5.75
C LEU B 425 -36.52 -9.89 -7.22
N GLU B 426 -36.61 -10.89 -8.09
CA GLU B 426 -36.53 -10.68 -9.53
C GLU B 426 -37.70 -9.89 -10.09
N GLU B 427 -38.77 -9.72 -9.34
CA GLU B 427 -39.91 -8.92 -9.80
C GLU B 427 -40.01 -7.58 -9.09
N TYR B 428 -39.85 -7.56 -7.77
CA TYR B 428 -39.93 -6.35 -6.98
C TYR B 428 -38.96 -6.50 -5.82
N GLY B 429 -38.24 -5.42 -5.51
CA GLY B 429 -37.13 -5.52 -4.59
C GLY B 429 -37.44 -4.87 -3.27
N HIS B 430 -38.59 -4.17 -3.23
CA HIS B 430 -38.99 -3.42 -2.06
C HIS B 430 -40.48 -3.59 -1.78
N ARG B 431 -40.81 -3.58 -0.49
CA ARG B 431 -42.17 -3.63 0.00
C ARG B 431 -42.42 -2.37 0.81
N LEU B 432 -43.67 -1.92 0.80
CA LEU B 432 -44.05 -0.78 1.63
C LEU B 432 -43.89 -1.16 3.09
N SER B 433 -43.29 -0.26 3.88
CA SER B 433 -43.00 -0.56 5.27
C SER B 433 -43.31 0.57 6.24
N TYR B 434 -43.39 1.83 5.80
CA TYR B 434 -43.74 2.90 6.71
C TYR B 434 -44.51 3.97 5.94
N VAL B 435 -45.15 4.87 6.69
CA VAL B 435 -45.75 6.11 6.18
C VAL B 435 -45.43 7.22 7.17
N SER B 436 -44.38 7.99 6.89
CA SER B 436 -44.00 9.14 7.69
C SER B 436 -44.68 10.38 7.10
N GLU B 437 -44.18 11.57 7.43
CA GLU B 437 -44.77 12.82 6.96
C GLU B 437 -43.71 13.90 6.96
N ILE B 438 -43.92 14.91 6.12
CA ILE B 438 -43.06 16.08 6.10
C ILE B 438 -43.51 17.03 7.21
N PHE B 439 -42.55 17.58 7.95
CA PHE B 439 -42.84 18.51 9.03
C PHE B 439 -43.25 19.86 8.42
N LYS B 440 -44.55 20.13 8.41
CA LYS B 440 -45.04 21.43 7.97
C LYS B 440 -44.85 22.47 9.07
N GLU B 441 -44.40 23.65 8.66
CA GLU B 441 -44.44 24.81 9.54
C GLU B 441 -45.61 25.76 9.25
N THR B 442 -46.24 25.66 8.06
CA THR B 442 -47.33 26.57 7.64
C THR B 442 -48.46 25.78 6.95
N GLY B 443 -49.61 25.63 7.59
CA GLY B 443 -50.71 25.22 6.76
C GLY B 443 -51.32 23.92 7.24
N SER B 444 -52.03 23.24 6.34
CA SER B 444 -52.80 22.07 6.72
C SER B 444 -52.83 21.05 5.60
N GLY B 445 -53.08 19.80 5.96
CA GLY B 445 -53.09 18.68 5.03
C GLY B 445 -51.77 17.93 4.99
N THR B 446 -51.78 16.63 5.25
CA THR B 446 -50.52 15.92 5.44
C THR B 446 -49.76 15.75 4.14
N ILE B 447 -48.48 16.12 4.16
CA ILE B 447 -47.55 15.70 3.11
C ILE B 447 -46.92 14.39 3.56
N PRO B 448 -47.38 13.24 3.07
CA PRO B 448 -46.83 11.96 3.52
C PRO B 448 -45.59 11.54 2.73
N VAL B 449 -44.80 10.67 3.36
CA VAL B 449 -43.59 10.09 2.77
C VAL B 449 -43.59 8.58 3.01
N LEU B 450 -43.43 7.81 1.95
CA LEU B 450 -43.54 6.35 2.04
C LEU B 450 -42.17 5.73 2.32
N GLY B 451 -42.13 4.80 3.28
CA GLY B 451 -40.93 4.06 3.62
C GLY B 451 -40.98 2.64 3.09
N TRP B 452 -39.81 2.11 2.72
CA TRP B 452 -39.72 0.82 2.06
C TRP B 452 -38.59 -0.03 2.65
N THR B 453 -38.78 -1.35 2.63
CA THR B 453 -37.72 -2.27 3.01
C THR B 453 -37.51 -3.29 1.90
N HIS B 454 -36.33 -3.89 1.94
CA HIS B 454 -35.84 -4.72 0.86
C HIS B 454 -36.41 -6.13 1.01
N VAL B 455 -36.78 -6.73 -0.13
CA VAL B 455 -37.45 -8.03 -0.10
C VAL B 455 -36.50 -9.17 0.19
N SER B 456 -35.18 -8.91 0.35
CA SER B 456 -34.31 -9.98 0.84
C SER B 456 -34.63 -10.34 2.28
N VAL B 457 -35.15 -9.40 3.08
CA VAL B 457 -35.55 -9.70 4.45
C VAL B 457 -36.73 -10.66 4.45
N ARG B 458 -36.61 -11.74 5.23
CA ARG B 458 -37.65 -12.75 5.25
C ARG B 458 -38.37 -12.69 6.59
N PRO B 459 -39.68 -13.01 6.61
CA PRO B 459 -40.48 -12.80 7.83
C PRO B 459 -40.36 -13.89 8.87
N ASP B 460 -39.70 -15.01 8.60
CA ASP B 460 -39.72 -16.11 9.54
C ASP B 460 -38.40 -16.38 10.26
N ASN B 461 -37.29 -15.71 9.89
CA ASN B 461 -36.00 -16.00 10.50
C ASN B 461 -35.68 -17.49 10.39
N LYS B 462 -36.01 -18.06 9.23
CA LYS B 462 -35.78 -19.47 8.96
C LYS B 462 -34.29 -19.81 8.88
N LEU B 463 -33.92 -20.93 9.49
CA LEU B 463 -32.58 -21.49 9.30
C LEU B 463 -32.56 -22.44 8.11
N TYR B 464 -31.63 -22.23 7.26
CA TYR B 464 -31.48 -23.11 6.11
C TYR B 464 -30.58 -24.26 6.52
N PRO B 465 -30.99 -25.51 6.26
CA PRO B 465 -30.34 -26.63 6.96
C PRO B 465 -28.89 -26.83 6.57
N ASP B 466 -28.55 -26.67 5.28
CA ASP B 466 -27.18 -26.85 4.84
C ASP B 466 -26.67 -25.64 4.05
N LYS B 467 -27.06 -24.46 4.52
CA LYS B 467 -26.44 -23.19 4.19
C LYS B 467 -26.09 -22.44 5.48
N ILE B 468 -25.24 -21.42 5.36
CA ILE B 468 -25.05 -20.49 6.47
C ILE B 468 -26.20 -19.47 6.45
N THR B 469 -26.89 -19.35 7.57
CA THR B 469 -28.02 -18.44 7.68
C THR B 469 -27.56 -17.19 8.42
N GLN B 470 -27.44 -16.08 7.70
CA GLN B 470 -26.96 -14.84 8.28
C GLN B 470 -28.15 -13.96 8.67
N ILE B 471 -28.43 -13.90 9.96
CA ILE B 471 -29.59 -13.18 10.48
C ILE B 471 -29.10 -11.91 11.15
N PRO B 472 -29.40 -10.73 10.61
CA PRO B 472 -29.08 -9.49 11.31
C PRO B 472 -29.72 -9.52 12.69
N ALA B 473 -29.02 -8.91 13.65
CA ALA B 473 -29.53 -8.91 15.02
C ALA B 473 -30.80 -8.07 15.16
N VAL B 474 -31.04 -7.13 14.25
CA VAL B 474 -32.25 -6.32 14.33
C VAL B 474 -33.49 -7.12 13.94
N LYS B 475 -33.29 -8.39 13.53
CA LYS B 475 -34.40 -9.31 13.33
C LYS B 475 -34.92 -9.89 14.65
N ALA B 476 -34.29 -9.55 15.77
CA ALA B 476 -34.85 -9.86 17.07
C ALA B 476 -36.21 -9.15 17.23
N PHE B 477 -36.96 -9.54 18.26
CA PHE B 477 -38.22 -8.88 18.57
C PHE B 477 -38.23 -8.16 19.91
N GLU B 478 -37.13 -8.20 20.66
CA GLU B 478 -37.04 -7.43 21.89
C GLU B 478 -35.57 -7.34 22.28
N THR B 479 -35.15 -6.18 22.76
CA THR B 479 -33.85 -6.06 23.40
C THR B 479 -34.06 -5.94 24.91
N ASN B 480 -32.99 -5.59 25.63
CA ASN B 480 -33.09 -5.34 27.05
C ASN B 480 -33.47 -3.89 27.29
N THR B 481 -34.18 -3.65 28.40
CA THR B 481 -34.73 -2.33 28.69
C THR B 481 -33.67 -1.24 28.78
N ALA B 482 -32.42 -1.60 29.10
CA ALA B 482 -31.34 -0.62 29.18
C ALA B 482 -30.05 -1.22 28.62
N GLY B 483 -29.12 -0.34 28.24
CA GLY B 483 -27.81 -0.76 27.80
C GLY B 483 -27.73 -1.30 26.38
N VAL B 484 -28.80 -1.24 25.61
CA VAL B 484 -28.84 -1.78 24.26
C VAL B 484 -29.55 -0.75 23.40
N GLU B 485 -28.86 -0.15 22.44
CA GLU B 485 -29.50 0.74 21.49
C GLU B 485 -29.13 0.36 20.06
N ILE B 486 -30.03 0.68 19.15
CA ILE B 486 -29.90 0.35 17.75
C ILE B 486 -29.43 1.60 17.03
N ILE B 487 -28.34 1.48 16.25
CA ILE B 487 -27.70 2.64 15.63
C ILE B 487 -27.49 2.37 14.14
N ASP B 488 -27.22 3.44 13.40
CA ASP B 488 -27.04 3.33 11.96
C ASP B 488 -25.69 2.70 11.64
N SER B 489 -25.65 2.01 10.50
CA SER B 489 -24.43 1.37 10.02
C SER B 489 -24.45 1.41 8.50
N ALA B 490 -23.54 2.18 7.90
CA ALA B 490 -23.58 2.37 6.45
C ALA B 490 -23.10 1.15 5.68
N SER B 491 -22.23 0.33 6.28
CA SER B 491 -21.58 -0.74 5.54
C SER B 491 -22.20 -2.11 5.73
N THR B 492 -23.22 -2.25 6.58
CA THR B 492 -23.76 -3.56 6.89
C THR B 492 -25.17 -3.77 6.35
N GLY B 493 -25.69 -2.85 5.53
CA GLY B 493 -26.98 -3.08 4.94
C GLY B 493 -28.16 -2.86 5.87
N GLY B 494 -27.93 -2.26 7.03
CA GLY B 494 -28.97 -2.04 8.01
C GLY B 494 -28.36 -1.76 9.37
N PRO B 495 -29.19 -1.40 10.34
CA PRO B 495 -28.66 -1.03 11.65
C PRO B 495 -28.01 -2.20 12.39
N ILE B 496 -27.21 -1.85 13.39
CA ILE B 496 -26.60 -2.82 14.29
C ILE B 496 -27.05 -2.55 15.72
N LEU B 497 -26.70 -3.46 16.62
CA LEU B 497 -26.88 -3.24 18.05
C LEU B 497 -25.60 -2.73 18.68
N LYS B 498 -25.75 -1.78 19.59
CA LYS B 498 -24.64 -1.31 20.41
C LYS B 498 -24.95 -1.65 21.87
N ILE B 499 -23.94 -2.16 22.56
CA ILE B 499 -24.11 -2.70 23.91
C ILE B 499 -23.06 -2.09 24.81
N VAL B 500 -23.50 -1.39 25.85
CA VAL B 500 -22.60 -0.86 26.87
C VAL B 500 -22.79 -1.69 28.13
N ASN B 501 -21.70 -2.27 28.61
CA ASN B 501 -21.78 -3.24 29.71
C ASN B 501 -22.30 -2.60 31.00
N ASN B 502 -21.74 -1.44 31.37
CA ASN B 502 -22.13 -0.79 32.63
C ASN B 502 -23.55 -0.22 32.62
N ASN B 503 -24.23 -0.22 31.48
CA ASN B 503 -25.65 0.13 31.44
C ASN B 503 -26.54 -1.08 31.27
N LEU B 504 -25.98 -2.26 31.04
CA LEU B 504 -26.76 -3.48 30.88
C LEU B 504 -27.32 -3.93 32.22
N PRO B 505 -28.65 -4.00 32.36
CA PRO B 505 -29.24 -4.49 33.61
C PRO B 505 -28.90 -5.94 33.83
N SER B 506 -29.49 -6.82 33.02
CA SER B 506 -29.30 -8.26 33.06
C SER B 506 -28.19 -8.67 32.08
N ASN B 507 -27.82 -9.96 32.07
CA ASN B 507 -26.91 -10.46 31.04
C ASN B 507 -27.54 -10.42 29.65
N GLN B 508 -28.87 -10.50 29.59
CA GLN B 508 -29.54 -10.71 28.31
C GLN B 508 -29.54 -9.45 27.45
N VAL B 509 -29.25 -9.63 26.16
CA VAL B 509 -29.20 -8.55 25.20
C VAL B 509 -30.44 -8.50 24.35
N PHE B 510 -30.82 -9.61 23.72
CA PHE B 510 -32.01 -9.61 22.90
C PHE B 510 -32.59 -11.01 22.87
N ARG B 511 -33.80 -11.09 22.33
CA ARG B 511 -34.52 -12.33 22.07
C ARG B 511 -35.06 -12.29 20.64
N MET B 512 -35.08 -13.46 20.02
CA MET B 512 -35.28 -13.59 18.59
C MET B 512 -35.96 -14.93 18.39
N ARG B 513 -36.99 -14.97 17.54
CA ARG B 513 -37.65 -16.23 17.22
C ARG B 513 -37.12 -16.75 15.89
N LEU B 514 -36.89 -18.04 15.85
CA LEU B 514 -36.36 -18.72 14.68
C LEU B 514 -37.39 -19.72 14.17
N SER B 515 -37.28 -20.06 12.88
CA SER B 515 -38.12 -21.07 12.28
C SER B 515 -37.25 -22.19 11.75
N PHE B 516 -37.56 -23.42 12.17
CA PHE B 516 -36.95 -24.61 11.60
C PHE B 516 -37.97 -25.75 11.73
N SER B 517 -38.02 -26.61 10.70
CA SER B 517 -38.95 -27.73 10.72
C SER B 517 -38.49 -28.83 11.67
N GLU B 518 -37.18 -29.02 11.81
CA GLU B 518 -36.58 -30.19 12.42
C GLU B 518 -35.38 -29.72 13.23
N PRO B 519 -34.95 -30.49 14.24
CA PRO B 519 -33.84 -30.02 15.07
C PRO B 519 -32.62 -29.73 14.22
N GLN B 520 -32.03 -28.56 14.44
CA GLN B 520 -30.86 -28.14 13.68
C GLN B 520 -29.62 -28.16 14.58
N LYS B 521 -28.72 -29.08 14.29
CA LYS B 521 -27.40 -29.12 14.92
C LYS B 521 -26.58 -27.95 14.39
N ILE B 522 -26.19 -27.00 15.26
CA ILE B 522 -25.62 -25.72 14.81
C ILE B 522 -24.43 -25.26 15.65
N LYS B 523 -23.58 -24.46 15.00
CA LYS B 523 -22.69 -23.48 15.60
C LYS B 523 -23.31 -22.10 15.34
N VAL B 524 -23.02 -21.14 16.22
CA VAL B 524 -23.51 -19.77 16.07
C VAL B 524 -22.29 -18.85 16.02
N ARG B 525 -22.10 -18.17 14.90
CA ARG B 525 -20.99 -17.22 14.75
C ARG B 525 -21.54 -15.81 14.70
N VAL B 526 -21.05 -14.95 15.60
CA VAL B 526 -21.48 -13.55 15.69
C VAL B 526 -20.43 -12.67 15.01
N ARG B 527 -20.88 -11.81 14.10
CA ARG B 527 -20.03 -10.75 13.56
C ARG B 527 -20.17 -9.56 14.51
N TYR B 528 -19.09 -9.27 15.24
CA TYR B 528 -19.10 -8.30 16.31
C TYR B 528 -17.90 -7.36 16.21
N ALA B 529 -17.99 -6.28 16.96
CA ALA B 529 -16.88 -5.37 17.22
C ALA B 529 -16.93 -5.01 18.70
N ALA B 530 -15.76 -4.77 19.30
CA ALA B 530 -15.77 -4.50 20.73
C ALA B 530 -14.53 -3.74 21.14
N THR B 531 -14.70 -2.90 22.18
CA THR B 531 -13.65 -2.05 22.72
C THR B 531 -12.92 -2.71 23.88
N GLY B 532 -13.39 -3.85 24.36
CA GLY B 532 -12.66 -4.62 25.35
C GLY B 532 -12.88 -6.12 25.19
N ASP B 533 -12.38 -6.92 26.13
CA ASP B 533 -12.60 -8.36 26.13
C ASP B 533 -13.84 -8.72 26.95
N GLY B 534 -14.40 -9.88 26.66
CA GLY B 534 -15.54 -10.33 27.45
C GLY B 534 -15.96 -11.74 27.09
N VAL B 535 -17.14 -12.11 27.56
CA VAL B 535 -17.68 -13.45 27.39
C VAL B 535 -19.11 -13.34 26.86
N MET B 536 -19.47 -14.23 25.94
CA MET B 536 -20.74 -14.18 25.25
C MET B 536 -21.39 -15.56 25.29
N SER B 537 -22.71 -15.58 25.07
CA SER B 537 -23.49 -16.80 25.19
C SER B 537 -24.69 -16.73 24.25
N PHE B 538 -25.18 -17.89 23.85
CA PHE B 538 -26.32 -17.95 22.94
C PHE B 538 -27.15 -19.19 23.27
N SER B 539 -28.47 -19.07 23.12
CA SER B 539 -29.37 -20.15 23.53
C SER B 539 -29.06 -21.44 22.75
N GLY B 540 -29.03 -22.56 23.47
CA GLY B 540 -28.85 -23.85 22.85
C GLY B 540 -27.42 -24.24 22.60
N ILE B 541 -26.46 -23.44 23.05
CA ILE B 541 -25.05 -23.77 22.97
C ILE B 541 -24.51 -23.76 24.40
N ALA B 542 -23.98 -24.90 24.83
CA ALA B 542 -23.74 -25.08 26.25
C ALA B 542 -22.62 -24.19 26.77
N HIS B 543 -21.51 -24.07 26.03
CA HIS B 543 -20.35 -23.30 26.50
C HIS B 543 -20.46 -21.84 26.09
N ASP B 544 -20.17 -20.95 27.03
CA ASP B 544 -19.95 -19.56 26.70
C ASP B 544 -18.57 -19.39 26.07
N GLU B 545 -18.36 -18.24 25.44
CA GLU B 545 -17.18 -18.06 24.62
C GLU B 545 -16.57 -16.69 24.88
N TYR B 546 -15.28 -16.70 25.14
CA TYR B 546 -14.51 -15.50 25.42
C TYR B 546 -14.10 -14.82 24.13
N PHE B 547 -14.19 -13.50 24.08
CA PHE B 547 -13.87 -12.74 22.87
C PHE B 547 -12.92 -11.62 23.24
N THR B 548 -12.18 -11.15 22.25
CA THR B 548 -11.20 -10.08 22.47
C THR B 548 -11.65 -8.78 21.81
N ALA B 549 -11.05 -7.69 22.27
CA ALA B 549 -11.27 -6.38 21.70
C ALA B 549 -10.89 -6.36 20.22
N THR B 550 -11.65 -5.60 19.44
CA THR B 550 -11.33 -5.41 18.03
C THR B 550 -10.92 -3.98 17.69
N MET B 551 -11.24 -3.02 18.56
CA MET B 551 -11.10 -1.61 18.23
C MET B 551 -10.85 -0.83 19.51
N LYS B 552 -10.10 0.25 19.41
CA LYS B 552 -9.97 1.18 20.54
C LYS B 552 -11.19 2.10 20.58
N GLU B 553 -11.73 2.33 21.78
CA GLU B 553 -13.03 2.95 22.00
C GLU B 553 -13.40 4.13 21.11
N GLY B 554 -12.41 4.88 20.63
CA GLY B 554 -12.76 6.04 19.83
C GLY B 554 -12.96 5.79 18.35
N GLU B 555 -12.20 4.84 17.80
CA GLU B 555 -11.98 4.72 16.37
C GLU B 555 -13.21 4.17 15.64
N ALA B 556 -13.07 3.99 14.33
CA ALA B 556 -14.13 3.38 13.54
C ALA B 556 -14.29 1.92 13.94
N LEU B 557 -15.51 1.40 13.77
CA LEU B 557 -15.78 0.01 14.11
C LEU B 557 -14.97 -0.92 13.22
N LYS B 558 -14.20 -1.81 13.83
CA LYS B 558 -13.56 -2.93 13.15
C LYS B 558 -14.20 -4.22 13.65
N TYR B 559 -14.65 -5.06 12.73
CA TYR B 559 -15.41 -6.25 13.09
C TYR B 559 -14.55 -7.51 13.07
N SER B 560 -14.93 -8.46 13.92
CA SER B 560 -14.33 -9.77 13.90
C SER B 560 -15.46 -10.78 14.05
N TYR B 561 -15.11 -12.06 14.18
CA TYR B 561 -16.09 -13.12 14.37
C TYR B 561 -15.79 -13.88 15.64
N LEU B 562 -16.86 -14.28 16.32
CA LEU B 562 -16.83 -15.07 17.54
C LEU B 562 -17.72 -16.27 17.28
N THR B 563 -17.16 -17.48 17.33
CA THR B 563 -17.95 -18.68 17.06
C THR B 563 -18.26 -19.41 18.35
N MET B 564 -19.53 -19.74 18.55
CA MET B 564 -19.97 -20.51 19.69
C MET B 564 -20.43 -21.89 19.22
N GLY B 565 -20.07 -22.92 19.97
CA GLY B 565 -20.32 -24.27 19.56
C GLY B 565 -19.15 -25.01 18.96
N ASN B 566 -17.93 -24.47 19.08
CA ASN B 566 -16.76 -25.21 18.62
C ASN B 566 -16.43 -26.38 19.53
N ASP B 567 -16.61 -26.23 20.85
CA ASP B 567 -16.42 -27.36 21.77
C ASP B 567 -17.49 -28.44 21.53
N TYR B 568 -18.74 -28.04 21.61
CA TYR B 568 -19.82 -29.00 21.44
C TYR B 568 -20.93 -28.29 20.68
N ALA B 569 -21.24 -28.77 19.48
CA ALA B 569 -22.30 -28.16 18.70
C ALA B 569 -23.59 -28.15 19.48
N GLY B 570 -24.36 -27.08 19.32
CA GLY B 570 -25.64 -26.94 19.97
C GLY B 570 -26.77 -27.33 19.03
N THR B 571 -27.99 -27.11 19.51
CA THR B 571 -29.14 -27.26 18.65
C THR B 571 -29.98 -26.00 18.75
N ALA B 572 -30.42 -25.50 17.60
CA ALA B 572 -31.14 -24.24 17.54
C ALA B 572 -32.38 -24.27 18.41
N ALA B 573 -32.60 -23.19 19.15
CA ALA B 573 -33.79 -23.00 19.96
C ALA B 573 -34.73 -22.02 19.28
N GLU B 574 -36.05 -22.28 19.39
CA GLU B 574 -37.03 -21.43 18.73
C GLU B 574 -37.06 -20.03 19.34
N LEU B 575 -36.84 -19.92 20.63
CA LEU B 575 -36.69 -18.64 21.30
C LEU B 575 -35.23 -18.49 21.70
N SER B 576 -34.46 -17.75 20.90
CA SER B 576 -33.02 -17.66 21.09
C SER B 576 -32.65 -16.33 21.71
N MET B 577 -31.86 -16.39 22.79
CA MET B 577 -31.31 -15.20 23.42
C MET B 577 -29.81 -15.13 23.18
N LEU B 578 -29.32 -13.91 23.05
CA LEU B 578 -27.89 -13.66 23.09
C LEU B 578 -27.59 -12.99 24.42
N TYR B 579 -26.54 -13.44 25.10
CA TYR B 579 -26.19 -12.90 26.39
C TYR B 579 -24.76 -12.38 26.37
N ILE B 580 -24.54 -11.29 27.10
CA ILE B 580 -23.22 -10.85 27.51
C ILE B 580 -23.08 -11.23 28.97
N ILE B 581 -22.03 -11.98 29.31
CA ILE B 581 -21.80 -12.37 30.70
C ILE B 581 -21.09 -11.23 31.41
N LYS B 582 -21.88 -10.36 32.07
CA LYS B 582 -21.33 -9.13 32.66
C LYS B 582 -20.18 -9.42 33.62
N ALA B 583 -20.35 -10.43 34.48
CA ALA B 583 -19.38 -10.66 35.55
C ALA B 583 -17.96 -10.83 35.01
N ASN B 584 -17.83 -11.31 33.78
CA ASN B 584 -16.53 -11.54 33.17
C ASN B 584 -16.28 -10.70 31.93
N THR B 585 -17.08 -9.66 31.69
CA THR B 585 -16.88 -8.80 30.56
C THR B 585 -16.34 -7.45 31.03
N SER B 586 -15.33 -6.94 30.33
CA SER B 586 -14.75 -5.63 30.61
C SER B 586 -15.80 -4.50 30.58
N ASN B 587 -15.39 -3.29 30.93
CA ASN B 587 -16.30 -2.14 30.88
C ASN B 587 -16.10 -1.49 29.52
N CYS B 588 -16.85 -1.96 28.53
CA CYS B 588 -16.53 -1.69 27.15
C CYS B 588 -17.82 -1.61 26.35
N THR B 589 -17.66 -1.34 25.06
CA THR B 589 -18.79 -1.31 24.13
C THR B 589 -18.69 -2.48 23.18
N ILE B 590 -19.82 -3.11 22.91
CA ILE B 590 -19.92 -4.27 22.03
C ILE B 590 -20.93 -3.93 20.94
N TYR B 591 -20.53 -4.12 19.69
CA TYR B 591 -21.41 -3.96 18.53
C TYR B 591 -21.73 -5.33 17.97
N ILE B 592 -23.01 -5.63 17.82
CA ILE B 592 -23.47 -6.86 17.18
C ILE B 592 -24.03 -6.49 15.82
N ASP B 593 -23.47 -7.07 14.78
CA ASP B 593 -23.94 -6.86 13.42
C ASP B 593 -24.86 -8.01 13.04
N LYS B 594 -24.28 -9.19 12.89
CA LYS B 594 -24.97 -10.34 12.34
C LYS B 594 -24.78 -11.55 13.24
N ILE B 595 -25.82 -12.36 13.29
CA ILE B 595 -25.82 -13.68 13.90
C ILE B 595 -25.85 -14.66 12.74
N GLU B 596 -24.88 -15.56 12.70
CA GLU B 596 -24.79 -16.51 11.60
C GLU B 596 -24.98 -17.90 12.17
N PHE B 597 -25.88 -18.66 11.56
CA PHE B 597 -26.13 -20.04 11.96
C PHE B 597 -25.43 -20.94 10.97
N ILE B 598 -24.48 -21.72 11.45
CA ILE B 598 -23.60 -22.53 10.62
C ILE B 598 -23.99 -23.99 10.80
N PRO B 599 -24.33 -24.70 9.73
CA PRO B 599 -24.71 -26.11 9.90
C PRO B 599 -23.51 -26.97 10.20
N VAL B 600 -23.70 -27.94 11.09
CA VAL B 600 -22.61 -28.85 11.47
C VAL B 600 -22.75 -30.13 10.66
N VAL B 601 -21.61 -30.67 10.25
CA VAL B 601 -21.49 -31.98 9.63
C VAL B 601 -22.29 -33.04 10.39
#